data_7LSC
#
_entry.id   7LSC
#
_cell.length_a   111.531
_cell.length_b   73.953
_cell.length_c   83.743
_cell.angle_alpha   90.000
_cell.angle_beta   101.710
_cell.angle_gamma   90.000
#
_symmetry.space_group_name_H-M   'C 1 2 1'
#
loop_
_entity.id
_entity.type
_entity.pdbx_description
1 polymer miRFP670nano3
2 non-polymer '3-[2-[(~{Z})-[5-[(~{Z})-[(3~{S},4~{R})-3-ethenyl-4-methyl-5-oxidanylidene-pyrrolidin-2-ylidene]methyl]-3-(3-hydroxy-3-oxopropyl)-4-methyl-pyrrol-2-ylidene]methyl]-5-[(~{Z})-(4-ethenyl-3-methyl-5-oxidanylidene-pyrrol-2-ylidene)methyl]-4-methyl-1~{H}-pyrrol-3-yl]propanoic acid'
3 water water
#
_entity_poly.entity_id   1
_entity_poly.type   'polypeptide(L)'
_entity_poly.pdbx_seq_one_letter_code
;MGSHHHHHHGRSAAGTMANLDKMLNTTVTEVRKFLQADRVCVFKFEEDYSGTVSHEAVDDRWISILKTQVQDRYFMETRG
EEYVHGRYQAIADIYTANLVECYRDLLIEFQVRAILAVPILQGKKLWGLLVAHQLAGPREWQTWEIDFLKQQAVVMGIAI
QQS
;
_entity_poly.pdbx_strand_id   A,B,C,D
#
loop_
_chem_comp.id
_chem_comp.type
_chem_comp.name
_chem_comp.formula
JRA non-polymer '3-[2-[(~{Z})-[5-[(~{Z})-[(3~{S},4~{R})-3-ethenyl-4-methyl-5-oxidanylidene-pyrrolidin-2-ylidene]methyl]-3-(3-hydroxy-3-oxopropyl)-4-methyl-pyrrol-2-ylidene]methyl]-5-[(~{Z})-(4-ethenyl-3-methyl-5-oxidanylidene-pyrrol-2-ylidene)methyl]-4-methyl-1~{H}-pyrrol-3-yl]propanoic acid' 'C33 H36 N4 O6'
#
# COMPACT_ATOMS: atom_id res chain seq x y z
N SER A 3 25.05 -19.79 11.20
CA SER A 3 23.74 -20.31 10.69
C SER A 3 22.92 -19.11 10.23
N HIS A 4 22.95 -18.03 11.03
CA HIS A 4 22.14 -16.79 10.85
C HIS A 4 22.43 -16.22 9.46
N HIS A 5 21.38 -15.90 8.70
CA HIS A 5 21.54 -15.46 7.28
C HIS A 5 22.23 -14.10 7.27
N HIS A 6 23.33 -13.98 6.52
CA HIS A 6 24.02 -12.67 6.39
C HIS A 6 23.84 -12.12 4.98
N HIS A 7 23.93 -10.79 4.85
CA HIS A 7 23.41 -10.07 3.66
C HIS A 7 24.53 -9.80 2.67
N HIS A 8 25.73 -10.32 2.94
CA HIS A 8 26.91 -10.16 2.05
C HIS A 8 26.46 -10.53 0.62
N HIS A 9 25.84 -11.72 0.47
CA HIS A 9 25.19 -12.18 -0.80
C HIS A 9 26.21 -12.21 -1.96
N GLY A 10 27.53 -12.23 -1.68
CA GLY A 10 28.60 -12.28 -2.71
C GLY A 10 28.62 -11.02 -3.57
N ARG A 11 28.23 -9.86 -3.00
CA ARG A 11 28.11 -8.60 -3.80
C ARG A 11 29.49 -7.93 -4.00
N SER A 12 30.59 -8.48 -3.46
CA SER A 12 31.97 -7.95 -3.68
C SER A 12 32.51 -8.39 -5.05
N ALA A 13 31.86 -9.36 -5.71
CA ALA A 13 32.23 -9.96 -7.01
C ALA A 13 31.91 -8.98 -8.17
N ALA A 14 32.87 -8.75 -9.07
CA ALA A 14 32.71 -7.93 -10.31
C ALA A 14 31.57 -8.49 -11.17
N GLY A 15 31.38 -9.82 -11.14
CA GLY A 15 30.31 -10.54 -11.85
C GLY A 15 28.89 -10.14 -11.40
N THR A 16 28.71 -9.51 -10.23
CA THR A 16 27.35 -9.21 -9.65
C THR A 16 26.86 -7.80 -10.06
N MET A 17 27.66 -7.02 -10.80
CA MET A 17 27.26 -5.75 -11.48
C MET A 17 26.06 -5.99 -12.43
N ALA A 18 26.12 -7.07 -13.22
CA ALA A 18 25.14 -7.48 -14.24
C ALA A 18 23.93 -8.15 -13.57
N ASN A 19 23.94 -8.28 -12.25
CA ASN A 19 22.85 -8.95 -11.47
C ASN A 19 21.51 -8.23 -11.71
N LEU A 20 21.52 -6.92 -11.54
CA LEU A 20 20.31 -6.12 -11.73
C LEU A 20 19.88 -6.21 -13.21
N ASP A 21 20.81 -6.09 -14.15
CA ASP A 21 20.52 -6.16 -15.60
C ASP A 21 19.90 -7.52 -15.92
N LYS A 22 20.41 -8.62 -15.37
CA LYS A 22 19.82 -9.96 -15.61
C LYS A 22 18.38 -10.02 -15.10
N MET A 23 18.14 -9.55 -13.88
CA MET A 23 16.78 -9.55 -13.28
C MET A 23 15.82 -8.70 -14.15
N LEU A 24 16.23 -7.49 -14.49
CA LEU A 24 15.38 -6.59 -15.33
C LEU A 24 15.12 -7.25 -16.68
N ASN A 25 16.11 -7.91 -17.28
CA ASN A 25 15.91 -8.60 -18.60
C ASN A 25 14.91 -9.73 -18.42
N THR A 26 14.98 -10.49 -17.34
CA THR A 26 14.01 -11.59 -17.12
C THR A 26 12.61 -10.99 -16.97
N THR A 27 12.48 -9.94 -16.19
CA THR A 27 11.17 -9.30 -15.92
C THR A 27 10.54 -8.79 -17.24
N VAL A 28 11.27 -8.04 -18.05
CA VAL A 28 10.63 -7.51 -19.30
C VAL A 28 10.24 -8.69 -20.21
N THR A 29 11.07 -9.72 -20.30
CA THR A 29 10.78 -10.95 -21.11
C THR A 29 9.47 -11.56 -20.64
N GLU A 30 9.29 -11.76 -19.33
CA GLU A 30 8.08 -12.42 -18.79
C GLU A 30 6.86 -11.51 -18.89
N VAL A 31 7.00 -10.22 -18.65
CA VAL A 31 5.85 -9.28 -18.78
C VAL A 31 5.39 -9.27 -20.25
N ARG A 32 6.31 -9.27 -21.20
CA ARG A 32 5.89 -9.23 -22.64
C ARG A 32 5.02 -10.45 -22.95
N LYS A 33 5.43 -11.60 -22.48
CA LYS A 33 4.72 -12.87 -22.78
C LYS A 33 3.38 -12.83 -22.07
N PHE A 34 3.35 -12.42 -20.80
CA PHE A 34 2.10 -12.43 -20.04
C PHE A 34 1.09 -11.46 -20.66
N LEU A 35 1.49 -10.25 -21.01
CA LEU A 35 0.60 -9.23 -21.56
C LEU A 35 0.36 -9.49 -23.06
N GLN A 36 1.16 -10.36 -23.68
CA GLN A 36 1.14 -10.57 -25.16
C GLN A 36 1.28 -9.20 -25.85
N ALA A 37 2.25 -8.41 -25.38
CA ALA A 37 2.71 -7.15 -25.98
C ALA A 37 3.77 -7.53 -27.03
N ASP A 38 3.99 -6.67 -28.01
CA ASP A 38 5.04 -6.87 -29.05
C ASP A 38 6.39 -6.45 -28.46
N ARG A 39 6.41 -5.49 -27.54
CA ARG A 39 7.65 -5.05 -26.91
C ARG A 39 7.40 -4.70 -25.45
N VAL A 40 8.36 -5.04 -24.58
CA VAL A 40 8.38 -4.42 -23.24
C VAL A 40 9.80 -3.96 -22.99
N CYS A 41 9.98 -2.74 -22.55
CA CYS A 41 11.35 -2.27 -22.37
C CYS A 41 11.45 -1.39 -21.13
N VAL A 42 12.68 -1.14 -20.72
CA VAL A 42 13.00 -0.18 -19.64
C VAL A 42 13.72 0.98 -20.32
N PHE A 43 13.24 2.19 -20.05
CA PHE A 43 13.89 3.45 -20.46
C PHE A 43 14.55 4.03 -19.21
N LYS A 44 15.88 4.08 -19.16
CA LYS A 44 16.62 4.52 -17.98
C LYS A 44 17.08 5.97 -18.18
N PHE A 45 16.85 6.82 -17.20
CA PHE A 45 17.21 8.26 -17.31
C PHE A 45 18.64 8.50 -16.85
N GLU A 46 19.32 9.41 -17.54
CA GLU A 46 20.61 10.04 -17.13
C GLU A 46 20.28 11.22 -16.22
N GLU A 47 21.31 11.89 -15.68
CA GLU A 47 21.12 12.98 -14.68
C GLU A 47 20.34 14.16 -15.28
N ASP A 48 20.37 14.37 -16.59
CA ASP A 48 19.68 15.50 -17.25
C ASP A 48 18.31 15.05 -17.81
N TYR A 49 17.90 13.79 -17.58
CA TYR A 49 16.56 13.25 -17.91
C TYR A 49 16.42 13.06 -19.42
N SER A 50 17.54 13.07 -20.12
CA SER A 50 17.72 12.24 -21.33
C SER A 50 17.82 10.80 -20.82
N GLY A 51 17.66 9.84 -21.71
CA GLY A 51 17.81 8.43 -21.34
C GLY A 51 18.12 7.51 -22.49
N THR A 52 18.11 6.22 -22.18
CA THR A 52 18.46 5.14 -23.11
C THR A 52 17.51 3.98 -22.88
N VAL A 53 17.17 3.27 -23.94
CA VAL A 53 16.50 1.96 -23.85
C VAL A 53 17.54 0.95 -23.35
N SER A 54 17.51 0.64 -22.04
CA SER A 54 18.55 -0.12 -21.30
C SER A 54 18.25 -1.61 -21.31
N HIS A 55 16.99 -2.01 -21.47
CA HIS A 55 16.54 -3.41 -21.40
C HIS A 55 15.34 -3.55 -22.32
N GLU A 56 15.30 -4.61 -23.11
CA GLU A 56 14.22 -4.79 -24.09
C GLU A 56 13.97 -6.27 -24.28
N ALA A 57 12.69 -6.61 -24.33
CA ALA A 57 12.15 -7.86 -24.89
C ALA A 57 11.23 -7.47 -26.05
N VAL A 58 11.51 -8.01 -27.23
CA VAL A 58 10.74 -7.65 -28.46
C VAL A 58 10.55 -8.91 -29.30
N ASP A 59 9.37 -9.06 -29.90
CA ASP A 59 9.11 -10.12 -30.89
C ASP A 59 10.12 -9.86 -32.02
N ASP A 60 10.88 -10.88 -32.43
CA ASP A 60 11.98 -10.86 -33.44
C ASP A 60 11.56 -10.28 -34.79
N ARG A 61 10.25 -10.25 -35.08
CA ARG A 61 9.68 -9.58 -36.30
C ARG A 61 10.11 -8.13 -36.37
N TRP A 62 10.11 -7.48 -35.22
CA TRP A 62 10.22 -6.01 -35.15
C TRP A 62 11.65 -5.65 -34.93
N ILE A 63 11.97 -4.43 -35.29
CA ILE A 63 13.33 -3.85 -35.13
C ILE A 63 13.60 -3.59 -33.65
N SER A 64 14.77 -4.00 -33.17
CA SER A 64 15.22 -3.81 -31.76
C SER A 64 15.52 -2.31 -31.57
N ILE A 65 15.07 -1.71 -30.46
CA ILE A 65 15.39 -0.29 -30.13
C ILE A 65 16.32 -0.23 -28.92
N LEU A 66 16.81 -1.38 -28.47
CA LEU A 66 17.78 -1.49 -27.36
C LEU A 66 18.93 -0.54 -27.64
N LYS A 67 19.36 0.22 -26.63
N LYS A 67 19.35 0.22 -26.61
CA LYS A 67 20.53 1.14 -26.66
CA LYS A 67 20.49 1.17 -26.58
C LYS A 67 20.16 2.49 -27.29
C LYS A 67 20.15 2.49 -27.28
N THR A 68 18.96 2.65 -27.87
CA THR A 68 18.53 3.95 -28.46
C THR A 68 18.53 5.00 -27.37
N GLN A 69 19.25 6.09 -27.63
CA GLN A 69 19.31 7.27 -26.75
C GLN A 69 18.19 8.22 -27.17
N VAL A 70 17.48 8.79 -26.20
CA VAL A 70 16.34 9.71 -26.47
C VAL A 70 16.50 10.94 -25.58
N GLN A 71 16.36 12.10 -26.19
CA GLN A 71 16.46 13.41 -25.52
C GLN A 71 15.04 13.98 -25.51
N ASP A 72 14.24 13.55 -24.54
CA ASP A 72 12.80 13.85 -24.53
C ASP A 72 12.59 15.19 -23.86
N ARG A 73 11.95 16.13 -24.56
CA ARG A 73 11.76 17.53 -24.08
C ARG A 73 10.91 17.53 -22.80
N TYR A 74 9.80 16.75 -22.77
CA TYR A 74 8.87 16.71 -21.61
C TYR A 74 9.68 16.28 -20.37
N PHE A 75 10.50 15.24 -20.47
CA PHE A 75 11.22 14.71 -19.28
C PHE A 75 12.34 15.67 -18.90
N MET A 76 13.04 16.19 -19.90
CA MET A 76 14.21 17.08 -19.70
C MET A 76 13.71 18.41 -19.08
N GLU A 77 12.55 18.90 -19.48
CA GLU A 77 11.97 20.17 -18.92
C GLU A 77 11.35 19.97 -17.54
N THR A 78 10.68 18.83 -17.28
CA THR A 78 9.96 18.55 -16.00
C THR A 78 10.88 17.82 -15.00
N ARG A 79 11.98 17.21 -15.47
CA ARG A 79 12.80 16.23 -14.69
C ARG A 79 11.94 15.06 -14.15
N GLY A 80 10.80 14.79 -14.80
CA GLY A 80 9.90 13.67 -14.45
C GLY A 80 9.07 13.94 -13.21
N GLU A 81 8.96 15.20 -12.76
CA GLU A 81 8.26 15.53 -11.47
C GLU A 81 6.81 14.96 -11.47
N GLU A 82 6.06 15.05 -12.57
CA GLU A 82 4.67 14.55 -12.59
C GLU A 82 4.66 13.01 -12.52
N TYR A 83 5.68 12.36 -13.11
CA TYR A 83 5.86 10.88 -13.09
C TYR A 83 6.29 10.43 -11.68
N VAL A 84 7.08 11.21 -10.94
CA VAL A 84 7.33 10.92 -9.51
C VAL A 84 6.00 10.90 -8.76
N HIS A 85 5.03 11.70 -9.19
CA HIS A 85 3.71 11.83 -8.50
C HIS A 85 2.63 11.06 -9.28
N GLY A 86 3.03 9.99 -9.97
CA GLY A 86 2.11 8.94 -10.43
C GLY A 86 1.54 9.16 -11.82
N ARG A 87 1.99 10.17 -12.57
CA ARG A 87 1.56 10.30 -13.99
C ARG A 87 2.05 9.09 -14.79
N TYR A 88 1.28 8.66 -15.79
CA TYR A 88 1.65 7.56 -16.69
C TYR A 88 1.02 7.84 -18.05
N GLN A 89 1.42 7.07 -19.04
CA GLN A 89 0.84 7.21 -20.41
C GLN A 89 0.17 5.90 -20.80
N ALA A 90 -1.06 5.94 -21.31
CA ALA A 90 -1.83 4.75 -21.72
C ALA A 90 -2.58 5.16 -23.00
N ILE A 91 -2.01 4.89 -24.16
CA ILE A 91 -2.60 5.38 -25.45
C ILE A 91 -2.86 4.16 -26.30
N ALA A 92 -4.12 3.96 -26.69
CA ALA A 92 -4.60 2.81 -27.49
C ALA A 92 -4.15 2.94 -28.95
N ASP A 93 -4.09 4.16 -29.47
CA ASP A 93 -3.77 4.41 -30.91
C ASP A 93 -3.01 5.73 -31.01
N ILE A 94 -1.72 5.66 -31.24
CA ILE A 94 -0.88 6.88 -31.23
C ILE A 94 -1.14 7.68 -32.51
N TYR A 95 -1.72 7.08 -33.55
CA TYR A 95 -2.00 7.82 -34.82
C TYR A 95 -3.10 8.83 -34.57
N THR A 96 -4.12 8.45 -33.78
CA THR A 96 -5.34 9.27 -33.59
C THR A 96 -5.22 10.13 -32.32
N ALA A 97 -4.18 9.97 -31.50
CA ALA A 97 -4.10 10.60 -30.17
C ALA A 97 -3.66 12.06 -30.35
N ASN A 98 -4.03 12.91 -29.41
CA ASN A 98 -3.61 14.32 -29.41
C ASN A 98 -2.23 14.38 -28.76
N LEU A 99 -1.18 14.22 -29.57
CA LEU A 99 0.23 14.30 -29.14
C LEU A 99 0.93 15.39 -29.94
N VAL A 100 2.02 15.92 -29.38
CA VAL A 100 3.05 16.71 -30.10
C VAL A 100 3.67 15.84 -31.21
N GLU A 101 3.86 16.42 -32.40
CA GLU A 101 4.15 15.61 -33.62
C GLU A 101 5.53 14.96 -33.50
N CYS A 102 6.54 15.66 -32.96
CA CYS A 102 7.91 15.10 -32.85
C CYS A 102 7.85 13.85 -31.96
N TYR A 103 7.05 13.86 -30.88
CA TYR A 103 6.84 12.66 -30.01
C TYR A 103 6.13 11.57 -30.81
N ARG A 104 5.04 11.87 -31.52
CA ARG A 104 4.38 10.85 -32.37
C ARG A 104 5.43 10.22 -33.30
N ASP A 105 6.32 11.03 -33.88
CA ASP A 105 7.27 10.54 -34.91
C ASP A 105 8.26 9.58 -34.27
N LEU A 106 8.84 9.97 -33.11
CA LEU A 106 9.66 9.03 -32.29
C LEU A 106 8.91 7.70 -32.11
N LEU A 107 7.67 7.72 -31.65
CA LEU A 107 6.89 6.47 -31.44
C LEU A 107 6.76 5.72 -32.79
N ILE A 108 6.53 6.44 -33.88
CA ILE A 108 6.36 5.78 -35.21
C ILE A 108 7.68 5.12 -35.63
N GLU A 109 8.79 5.76 -35.35
CA GLU A 109 10.12 5.20 -35.67
C GLU A 109 10.28 3.87 -34.90
N PHE A 110 9.64 3.73 -33.73
CA PHE A 110 9.72 2.52 -32.86
C PHE A 110 8.64 1.54 -33.29
N GLN A 111 7.93 1.80 -34.41
CA GLN A 111 6.89 0.91 -34.96
C GLN A 111 5.71 0.84 -33.98
N VAL A 112 5.58 1.83 -33.10
CA VAL A 112 4.54 1.78 -32.03
C VAL A 112 3.16 2.12 -32.59
N ARG A 113 2.16 1.29 -32.32
CA ARG A 113 0.74 1.64 -32.50
C ARG A 113 0.10 2.00 -31.16
N ALA A 114 0.48 1.34 -30.06
CA ALA A 114 -0.16 1.56 -28.73
C ALA A 114 0.97 1.59 -27.68
N ILE A 115 0.84 2.42 -26.64
CA ILE A 115 1.93 2.52 -25.62
C ILE A 115 1.31 2.63 -24.20
N LEU A 116 1.89 1.89 -23.27
CA LEU A 116 1.60 2.01 -21.83
C LEU A 116 2.94 2.23 -21.14
N ALA A 117 3.14 3.38 -20.51
CA ALA A 117 4.46 3.73 -19.94
C ALA A 117 4.22 4.18 -18.51
N VAL A 118 4.93 3.55 -17.56
CA VAL A 118 4.69 3.86 -16.13
C VAL A 118 6.03 4.16 -15.49
N PRO A 119 6.04 5.03 -14.46
CA PRO A 119 7.28 5.38 -13.78
C PRO A 119 7.94 4.29 -12.94
N ILE A 120 9.27 4.24 -12.96
CA ILE A 120 10.10 3.43 -12.01
C ILE A 120 10.83 4.42 -11.11
N LEU A 121 10.61 4.33 -9.79
CA LEU A 121 11.29 5.20 -8.81
C LEU A 121 12.43 4.46 -8.13
N GLN A 122 13.45 5.22 -7.79
CA GLN A 122 14.51 4.81 -6.83
C GLN A 122 14.43 5.81 -5.69
N GLY A 123 13.94 5.38 -4.53
CA GLY A 123 13.59 6.33 -3.47
C GLY A 123 12.67 7.41 -4.00
N LYS A 124 13.10 8.67 -3.97
CA LYS A 124 12.23 9.82 -4.33
C LYS A 124 12.48 10.25 -5.76
N LYS A 125 13.39 9.56 -6.47
CA LYS A 125 13.88 9.97 -7.81
C LYS A 125 13.19 9.13 -8.87
N LEU A 126 12.83 9.75 -9.98
CA LEU A 126 12.44 9.00 -11.18
C LEU A 126 13.67 8.39 -11.80
N TRP A 127 13.75 7.06 -11.81
CA TRP A 127 14.92 6.32 -12.32
C TRP A 127 14.74 5.98 -13.79
N GLY A 128 13.50 5.70 -14.18
CA GLY A 128 13.21 5.17 -15.50
C GLY A 128 11.74 4.95 -15.73
N LEU A 129 11.43 4.42 -16.91
CA LEU A 129 10.05 4.07 -17.29
C LEU A 129 10.02 2.57 -17.58
N LEU A 130 8.95 1.93 -17.18
CA LEU A 130 8.59 0.59 -17.70
C LEU A 130 7.53 0.75 -18.79
N VAL A 131 7.79 0.23 -19.98
CA VAL A 131 7.00 0.53 -21.21
C VAL A 131 6.59 -0.74 -21.93
N ALA A 132 5.30 -0.87 -22.22
CA ALA A 132 4.78 -1.89 -23.12
C ALA A 132 4.35 -1.23 -24.44
N HIS A 133 4.73 -1.82 -25.58
CA HIS A 133 4.29 -1.34 -26.93
C HIS A 133 3.48 -2.43 -27.61
N GLN A 134 2.38 -2.07 -28.29
CA GLN A 134 1.81 -2.89 -29.37
C GLN A 134 2.30 -2.24 -30.67
N LEU A 135 2.90 -3.08 -31.50
CA LEU A 135 3.55 -2.69 -32.77
C LEU A 135 2.68 -3.21 -33.93
N ALA A 136 1.94 -4.31 -33.75
CA ALA A 136 1.09 -4.95 -34.80
C ALA A 136 -0.16 -4.10 -35.10
N GLY A 137 -0.67 -3.37 -34.13
CA GLY A 137 -1.92 -2.64 -34.31
C GLY A 137 -2.34 -1.98 -33.00
N PRO A 138 -3.39 -1.15 -32.99
CA PRO A 138 -3.86 -0.48 -31.78
C PRO A 138 -4.29 -1.49 -30.73
N ARG A 139 -4.33 -1.02 -29.50
CA ARG A 139 -4.63 -1.86 -28.31
C ARG A 139 -5.31 -1.01 -27.27
N GLU A 140 -6.56 -1.33 -26.94
CA GLU A 140 -7.25 -0.67 -25.82
C GLU A 140 -6.68 -1.29 -24.53
N TRP A 141 -5.78 -0.59 -23.83
CA TRP A 141 -5.23 -1.06 -22.53
C TRP A 141 -6.37 -1.11 -21.49
N GLN A 142 -6.52 -2.21 -20.77
CA GLN A 142 -7.54 -2.40 -19.71
C GLN A 142 -7.04 -1.79 -18.39
N THR A 143 -7.98 -1.40 -17.54
CA THR A 143 -7.63 -0.84 -16.21
C THR A 143 -6.69 -1.81 -15.49
N TRP A 144 -6.93 -3.12 -15.54
CA TRP A 144 -6.13 -4.10 -14.78
C TRP A 144 -4.70 -4.12 -15.33
N GLU A 145 -4.50 -3.88 -16.64
CA GLU A 145 -3.15 -3.89 -17.25
C GLU A 145 -2.38 -2.64 -16.83
N ILE A 146 -3.07 -1.52 -16.60
CA ILE A 146 -2.36 -0.30 -16.10
C ILE A 146 -1.87 -0.62 -14.67
N ASP A 147 -2.75 -1.17 -13.86
CA ASP A 147 -2.46 -1.52 -12.45
C ASP A 147 -1.35 -2.56 -12.40
N PHE A 148 -1.41 -3.56 -13.29
CA PHE A 148 -0.36 -4.59 -13.40
C PHE A 148 1.01 -3.96 -13.66
N LEU A 149 1.11 -3.12 -14.69
CA LEU A 149 2.43 -2.59 -15.10
C LEU A 149 2.96 -1.63 -14.02
N LYS A 150 2.09 -0.86 -13.39
CA LYS A 150 2.46 0.01 -12.25
C LYS A 150 2.99 -0.85 -11.11
N GLN A 151 2.31 -1.95 -10.81
CA GLN A 151 2.77 -2.80 -9.69
C GLN A 151 4.08 -3.47 -10.06
N GLN A 152 4.28 -3.89 -11.31
CA GLN A 152 5.58 -4.46 -11.74
C GLN A 152 6.65 -3.40 -11.55
N ALA A 153 6.38 -2.13 -11.87
CA ALA A 153 7.38 -1.06 -11.71
C ALA A 153 7.71 -0.83 -10.22
N VAL A 154 6.75 -1.00 -9.31
CA VAL A 154 6.99 -0.90 -7.84
C VAL A 154 8.07 -1.92 -7.44
N VAL A 155 7.89 -3.18 -7.82
CA VAL A 155 8.83 -4.27 -7.46
C VAL A 155 10.19 -4.03 -8.12
N MET A 156 10.21 -3.56 -9.37
CA MET A 156 11.49 -3.23 -10.03
C MET A 156 12.22 -2.11 -9.28
N GLY A 157 11.50 -1.09 -8.80
CA GLY A 157 12.06 0.02 -7.99
C GLY A 157 12.74 -0.52 -6.72
N ILE A 158 12.11 -1.49 -6.08
CA ILE A 158 12.68 -2.16 -4.87
C ILE A 158 13.97 -2.88 -5.27
N ALA A 159 13.96 -3.64 -6.37
CA ALA A 159 15.15 -4.37 -6.84
C ALA A 159 16.29 -3.40 -7.16
N ILE A 160 15.99 -2.26 -7.79
CA ILE A 160 17.04 -1.24 -8.13
C ILE A 160 17.62 -0.66 -6.84
N GLN A 161 16.79 -0.38 -5.86
CA GLN A 161 17.23 0.18 -4.56
C GLN A 161 18.15 -0.78 -3.81
N GLN A 162 17.91 -2.08 -3.91
CA GLN A 162 18.52 -3.08 -3.03
C GLN A 162 19.70 -3.72 -3.78
N SER A 163 19.95 -3.33 -5.03
CA SER A 163 21.10 -3.81 -5.84
C SER A 163 22.23 -2.77 -5.77
N MET B 17 -3.80 -19.89 -19.45
CA MET B 17 -3.56 -20.54 -18.10
C MET B 17 -2.09 -20.98 -17.99
N ALA B 18 -1.58 -21.68 -19.00
CA ALA B 18 -0.13 -21.93 -19.11
C ALA B 18 0.59 -20.59 -18.92
N ASN B 19 0.17 -19.48 -19.56
CA ASN B 19 0.89 -18.16 -19.50
C ASN B 19 0.98 -17.65 -18.05
N LEU B 20 -0.14 -17.66 -17.31
CA LEU B 20 -0.14 -17.36 -15.86
C LEU B 20 0.82 -18.30 -15.12
N ASP B 21 0.73 -19.62 -15.32
CA ASP B 21 1.56 -20.57 -14.53
C ASP B 21 3.05 -20.38 -14.79
N LYS B 22 3.44 -20.03 -16.01
CA LYS B 22 4.85 -19.73 -16.36
C LYS B 22 5.26 -18.45 -15.64
N MET B 23 4.38 -17.46 -15.62
CA MET B 23 4.72 -16.19 -14.96
C MET B 23 4.95 -16.52 -13.45
N LEU B 24 4.11 -17.35 -12.84
CA LEU B 24 4.25 -17.75 -11.40
C LEU B 24 5.54 -18.57 -11.15
N ASN B 25 5.86 -19.56 -11.97
CA ASN B 25 7.11 -20.36 -11.79
C ASN B 25 8.36 -19.52 -11.95
N THR B 26 8.37 -18.64 -12.93
CA THR B 26 9.47 -17.68 -13.13
C THR B 26 9.56 -16.79 -11.89
N THR B 27 8.42 -16.33 -11.36
CA THR B 27 8.38 -15.37 -10.25
C THR B 27 8.99 -16.03 -9.00
N VAL B 28 8.62 -17.25 -8.65
CA VAL B 28 9.18 -17.85 -7.39
C VAL B 28 10.70 -18.06 -7.58
N THR B 29 11.13 -18.44 -8.77
CA THR B 29 12.56 -18.63 -9.08
C THR B 29 13.28 -17.30 -8.90
N GLU B 30 12.80 -16.23 -9.52
CA GLU B 30 13.50 -14.94 -9.42
C GLU B 30 13.45 -14.37 -8.00
N VAL B 31 12.31 -14.52 -7.32
CA VAL B 31 12.20 -14.05 -5.91
C VAL B 31 13.21 -14.82 -5.03
N ARG B 32 13.33 -16.13 -5.20
CA ARG B 32 14.25 -16.92 -4.38
C ARG B 32 15.69 -16.43 -4.58
N LYS B 33 16.13 -16.19 -5.84
CA LYS B 33 17.49 -15.69 -6.14
C LYS B 33 17.71 -14.31 -5.54
N PHE B 34 16.75 -13.42 -5.69
CA PHE B 34 16.89 -12.01 -5.27
C PHE B 34 16.99 -11.93 -3.73
N LEU B 35 16.13 -12.65 -3.04
CA LEU B 35 16.12 -12.69 -1.56
C LEU B 35 17.18 -13.65 -0.99
N GLN B 36 17.84 -14.45 -1.83
CA GLN B 36 18.79 -15.50 -1.34
C GLN B 36 18.09 -16.37 -0.28
N ALA B 37 16.86 -16.75 -0.54
CA ALA B 37 16.08 -17.70 0.29
C ALA B 37 16.46 -19.12 -0.14
N ASP B 38 16.24 -20.08 0.72
CA ASP B 38 16.46 -21.50 0.37
C ASP B 38 15.27 -22.03 -0.42
N ARG B 39 14.06 -21.56 -0.12
CA ARG B 39 12.85 -21.98 -0.84
C ARG B 39 11.93 -20.77 -0.99
N VAL B 40 11.28 -20.65 -2.16
CA VAL B 40 10.13 -19.74 -2.29
C VAL B 40 9.01 -20.55 -2.92
N CYS B 41 7.81 -20.46 -2.36
CA CYS B 41 6.71 -21.24 -2.92
C CYS B 41 5.38 -20.47 -2.82
N VAL B 42 4.47 -20.94 -3.63
CA VAL B 42 3.05 -20.50 -3.64
C VAL B 42 2.25 -21.63 -3.02
N PHE B 43 1.46 -21.29 -2.02
CA PHE B 43 0.54 -22.21 -1.36
C PHE B 43 -0.86 -21.76 -1.82
N LYS B 44 -1.53 -22.61 -2.54
CA LYS B 44 -2.84 -22.24 -3.13
C LYS B 44 -3.96 -22.91 -2.35
N PHE B 45 -4.93 -22.12 -1.92
CA PHE B 45 -6.01 -22.63 -1.07
C PHE B 45 -7.09 -23.27 -1.96
N GLU B 46 -7.67 -24.36 -1.48
CA GLU B 46 -8.88 -25.00 -2.03
C GLU B 46 -10.09 -24.41 -1.29
N GLU B 47 -11.29 -24.89 -1.60
CA GLU B 47 -12.53 -24.25 -1.15
C GLU B 47 -12.67 -24.39 0.38
N ASP B 48 -12.09 -25.43 0.98
CA ASP B 48 -12.13 -25.66 2.46
C ASP B 48 -10.91 -25.02 3.16
N TYR B 49 -10.06 -24.27 2.45
CA TYR B 49 -8.85 -23.58 2.97
C TYR B 49 -7.84 -24.57 3.52
N SER B 50 -7.99 -25.84 3.10
CA SER B 50 -6.83 -26.73 2.88
C SER B 50 -6.07 -26.10 1.71
N GLY B 51 -4.86 -26.58 1.46
CA GLY B 51 -4.06 -26.04 0.34
C GLY B 51 -3.02 -27.01 -0.17
N THR B 52 -2.35 -26.55 -1.22
CA THR B 52 -1.31 -27.27 -1.95
C THR B 52 -0.16 -26.33 -2.23
N VAL B 53 1.06 -26.83 -2.09
CA VAL B 53 2.20 -26.10 -2.68
C VAL B 53 2.06 -26.27 -4.20
N SER B 54 1.69 -25.21 -4.86
CA SER B 54 1.35 -25.20 -6.31
C SER B 54 2.56 -24.85 -7.15
N HIS B 55 3.52 -24.05 -6.63
CA HIS B 55 4.70 -23.53 -7.37
C HIS B 55 5.85 -23.48 -6.36
N GLU B 56 7.03 -23.92 -6.76
CA GLU B 56 8.18 -23.96 -5.81
C GLU B 56 9.47 -23.72 -6.55
N ALA B 57 10.38 -22.94 -5.93
CA ALA B 57 11.80 -22.84 -6.32
C ALA B 57 12.59 -23.21 -5.08
N VAL B 58 13.43 -24.26 -5.16
CA VAL B 58 14.15 -24.72 -3.96
C VAL B 58 15.58 -25.05 -4.35
N ASP B 59 16.54 -24.77 -3.47
CA ASP B 59 17.90 -25.31 -3.73
C ASP B 59 17.83 -26.85 -3.59
N ASP B 60 18.48 -27.60 -4.50
CA ASP B 60 18.58 -29.09 -4.57
C ASP B 60 19.16 -29.66 -3.27
N ARG B 61 19.80 -28.86 -2.44
CA ARG B 61 20.27 -29.29 -1.10
C ARG B 61 19.11 -29.74 -0.22
N TRP B 62 17.88 -29.29 -0.48
CA TRP B 62 16.74 -29.48 0.44
C TRP B 62 15.64 -30.25 -0.31
N ILE B 63 14.69 -30.79 0.43
CA ILE B 63 13.59 -31.63 -0.11
C ILE B 63 12.62 -30.71 -0.84
N SER B 64 12.16 -31.11 -2.03
CA SER B 64 11.06 -30.43 -2.75
C SER B 64 9.76 -30.75 -2.04
N ILE B 65 8.96 -29.73 -1.75
CA ILE B 65 7.60 -29.92 -1.17
C ILE B 65 6.54 -29.58 -2.21
N LEU B 66 6.91 -29.41 -3.47
CA LEU B 66 5.94 -29.13 -4.55
C LEU B 66 4.88 -30.24 -4.52
N LYS B 67 3.60 -29.86 -4.58
CA LYS B 67 2.42 -30.76 -4.61
C LYS B 67 2.03 -31.24 -3.23
N THR B 68 2.71 -30.88 -2.15
CA THR B 68 2.28 -31.30 -0.79
C THR B 68 0.93 -30.65 -0.48
N GLN B 69 0.01 -31.42 0.08
CA GLN B 69 -1.33 -30.94 0.46
C GLN B 69 -1.30 -30.76 1.95
N VAL B 70 -1.83 -29.67 2.45
CA VAL B 70 -1.75 -29.31 3.89
C VAL B 70 -3.16 -28.95 4.35
N GLN B 71 -3.61 -29.62 5.41
CA GLN B 71 -4.90 -29.33 6.04
C GLN B 71 -4.58 -28.60 7.35
N ASP B 72 -4.43 -27.28 7.27
CA ASP B 72 -3.98 -26.45 8.39
C ASP B 72 -5.20 -25.94 9.16
N ARG B 73 -5.27 -26.20 10.45
CA ARG B 73 -6.49 -25.91 11.27
C ARG B 73 -6.72 -24.38 11.30
N TYR B 74 -5.67 -23.60 11.51
CA TYR B 74 -5.76 -22.12 11.57
C TYR B 74 -6.42 -21.61 10.29
N PHE B 75 -5.96 -22.02 9.10
CA PHE B 75 -6.55 -21.56 7.83
C PHE B 75 -7.95 -22.17 7.64
N MET B 76 -8.14 -23.43 7.99
CA MET B 76 -9.43 -24.13 7.74
C MET B 76 -10.48 -23.53 8.68
N GLU B 77 -10.08 -23.08 9.86
CA GLU B 77 -11.03 -22.53 10.85
C GLU B 77 -11.34 -21.06 10.54
N THR B 78 -10.33 -20.27 10.20
CA THR B 78 -10.49 -18.82 9.93
C THR B 78 -10.93 -18.59 8.48
N ARG B 79 -10.66 -19.53 7.59
CA ARG B 79 -10.76 -19.36 6.11
C ARG B 79 -9.92 -18.14 5.68
N GLY B 80 -8.82 -17.92 6.39
CA GLY B 80 -7.86 -16.86 6.11
C GLY B 80 -8.41 -15.46 6.31
N GLU B 81 -9.50 -15.25 7.07
CA GLU B 81 -10.08 -13.88 7.23
C GLU B 81 -9.03 -12.90 7.80
N GLU B 82 -8.19 -13.31 8.75
CA GLU B 82 -7.18 -12.38 9.37
C GLU B 82 -6.16 -11.92 8.32
N TYR B 83 -5.81 -12.81 7.39
CA TYR B 83 -4.88 -12.54 6.27
C TYR B 83 -5.49 -11.57 5.26
N VAL B 84 -6.81 -11.56 5.09
CA VAL B 84 -7.43 -10.54 4.23
C VAL B 84 -7.42 -9.21 4.96
N HIS B 85 -7.28 -9.19 6.30
CA HIS B 85 -7.23 -7.92 7.04
C HIS B 85 -5.83 -7.59 7.54
N GLY B 86 -4.78 -8.08 6.90
CA GLY B 86 -3.42 -7.52 7.09
C GLY B 86 -2.55 -8.34 8.03
N ARG B 87 -3.02 -9.48 8.56
CA ARG B 87 -2.09 -10.35 9.28
C ARG B 87 -1.25 -11.14 8.27
N TYR B 88 0.01 -11.34 8.60
CA TYR B 88 0.96 -12.19 7.82
C TYR B 88 1.87 -12.85 8.83
N GLN B 89 2.76 -13.73 8.35
CA GLN B 89 3.67 -14.51 9.20
C GLN B 89 5.10 -14.10 8.89
N ALA B 90 5.83 -13.71 9.89
CA ALA B 90 7.28 -13.42 9.76
C ALA B 90 7.95 -13.98 11.00
N ILE B 91 8.56 -15.15 10.88
CA ILE B 91 9.20 -15.88 12.02
C ILE B 91 10.69 -16.04 11.68
N ALA B 92 11.59 -15.49 12.52
CA ALA B 92 13.03 -15.66 12.35
C ALA B 92 13.47 -17.09 12.67
N ASP B 93 12.85 -17.76 13.66
CA ASP B 93 13.38 -19.08 14.15
C ASP B 93 12.20 -19.82 14.73
N ILE B 94 11.73 -20.83 14.02
CA ILE B 94 10.49 -21.56 14.40
C ILE B 94 10.72 -22.23 15.79
N TYR B 95 11.95 -22.58 16.16
CA TYR B 95 12.28 -23.30 17.43
C TYR B 95 12.20 -22.36 18.62
N THR B 96 12.16 -21.04 18.42
CA THR B 96 12.03 -20.06 19.52
C THR B 96 10.65 -19.39 19.48
N ALA B 97 9.89 -19.53 18.41
CA ALA B 97 8.53 -18.97 18.31
C ALA B 97 7.63 -19.83 19.20
N ASN B 98 6.44 -19.31 19.53
CA ASN B 98 5.43 -20.01 20.36
C ASN B 98 4.35 -20.46 19.38
N LEU B 99 4.62 -21.59 18.72
CA LEU B 99 3.75 -22.14 17.66
C LEU B 99 3.00 -23.31 18.26
N VAL B 100 1.74 -23.47 17.87
CA VAL B 100 0.99 -24.74 18.04
C VAL B 100 1.87 -25.89 17.53
N GLU B 101 2.03 -26.91 18.38
CA GLU B 101 3.02 -28.00 18.20
C GLU B 101 2.80 -28.70 16.86
N CYS B 102 1.56 -28.95 16.42
CA CYS B 102 1.30 -29.70 15.16
C CYS B 102 1.69 -28.84 13.93
N TYR B 103 1.59 -27.51 14.02
CA TYR B 103 2.08 -26.59 12.96
C TYR B 103 3.62 -26.59 12.98
N ARG B 104 4.25 -26.46 14.14
CA ARG B 104 5.74 -26.51 14.22
C ARG B 104 6.25 -27.83 13.60
N ASP B 105 5.59 -28.97 13.84
CA ASP B 105 6.03 -30.26 13.27
C ASP B 105 5.87 -30.27 11.73
N LEU B 106 4.81 -29.68 11.19
CA LEU B 106 4.71 -29.48 9.73
C LEU B 106 5.94 -28.71 9.23
N LEU B 107 6.28 -27.60 9.88
CA LEU B 107 7.37 -26.73 9.40
C LEU B 107 8.65 -27.54 9.49
N ILE B 108 8.77 -28.38 10.53
CA ILE B 108 9.99 -29.19 10.74
C ILE B 108 10.08 -30.23 9.62
N GLU B 109 8.97 -30.83 9.24
CA GLU B 109 8.86 -31.76 8.09
C GLU B 109 9.34 -31.05 6.81
N PHE B 110 9.11 -29.75 6.66
CA PHE B 110 9.53 -28.97 5.46
C PHE B 110 10.95 -28.42 5.60
N GLN B 111 11.62 -28.78 6.69
CA GLN B 111 13.01 -28.36 6.99
C GLN B 111 13.12 -26.85 7.22
N VAL B 112 12.02 -26.24 7.62
CA VAL B 112 11.94 -24.78 7.87
C VAL B 112 12.69 -24.42 9.15
N ARG B 113 13.44 -23.33 9.10
CA ARG B 113 13.93 -22.61 10.30
C ARG B 113 13.29 -21.24 10.36
N ALA B 114 13.22 -20.51 9.25
CA ALA B 114 12.60 -19.16 9.20
C ALA B 114 11.54 -19.14 8.09
N ILE B 115 10.44 -18.45 8.34
CA ILE B 115 9.30 -18.42 7.38
C ILE B 115 8.72 -17.01 7.30
N LEU B 116 8.60 -16.52 6.06
CA LEU B 116 7.85 -15.29 5.76
C LEU B 116 6.72 -15.68 4.81
N ALA B 117 5.47 -15.46 5.21
CA ALA B 117 4.32 -15.86 4.37
C ALA B 117 3.37 -14.69 4.26
N VAL B 118 3.09 -14.22 3.04
CA VAL B 118 2.18 -13.06 2.84
C VAL B 118 1.03 -13.48 1.96
N PRO B 119 -0.15 -12.86 2.10
CA PRO B 119 -1.28 -13.28 1.28
C PRO B 119 -1.22 -12.84 -0.18
N ILE B 120 -1.78 -13.70 -1.00
CA ILE B 120 -2.16 -13.42 -2.41
C ILE B 120 -3.68 -13.25 -2.42
N LEU B 121 -4.12 -12.04 -2.67
CA LEU B 121 -5.59 -11.73 -2.73
C LEU B 121 -6.05 -11.80 -4.18
N GLN B 122 -7.26 -12.34 -4.39
CA GLN B 122 -7.98 -12.32 -5.69
C GLN B 122 -9.26 -11.61 -5.29
N GLY B 123 -9.34 -10.31 -5.58
CA GLY B 123 -10.34 -9.42 -4.96
C GLY B 123 -10.26 -9.51 -3.47
N LYS B 124 -11.35 -9.95 -2.82
CA LYS B 124 -11.51 -10.07 -1.35
C LYS B 124 -11.19 -11.49 -0.88
N LYS B 125 -10.81 -12.38 -1.78
CA LYS B 125 -10.57 -13.80 -1.43
C LYS B 125 -9.08 -13.95 -1.07
N LEU B 126 -8.74 -14.66 0.01
CA LEU B 126 -7.37 -15.19 0.16
C LEU B 126 -7.18 -16.36 -0.81
N TRP B 127 -6.58 -16.11 -1.96
CA TRP B 127 -6.35 -17.14 -2.98
C TRP B 127 -5.19 -18.07 -2.56
N GLY B 128 -4.18 -17.50 -1.88
CA GLY B 128 -3.02 -18.29 -1.47
C GLY B 128 -2.05 -17.47 -0.65
N LEU B 129 -0.86 -18.05 -0.45
CA LEU B 129 0.25 -17.37 0.23
C LEU B 129 1.47 -17.39 -0.69
N LEU B 130 2.26 -16.32 -0.67
CA LEU B 130 3.60 -16.33 -1.25
C LEU B 130 4.51 -16.46 -0.02
N VAL B 131 5.37 -17.48 -0.05
CA VAL B 131 6.14 -17.97 1.12
C VAL B 131 7.62 -18.07 0.79
N ALA B 132 8.45 -17.49 1.63
CA ALA B 132 9.91 -17.64 1.60
C ALA B 132 10.30 -18.43 2.85
N HIS B 133 11.16 -19.39 2.66
CA HIS B 133 11.72 -20.20 3.77
C HIS B 133 13.23 -20.02 3.79
N GLN B 134 13.78 -19.87 4.99
CA GLN B 134 15.20 -20.16 5.19
C GLN B 134 15.25 -21.54 5.85
N LEU B 135 16.06 -22.42 5.29
CA LEU B 135 16.17 -23.84 5.72
C LEU B 135 17.54 -24.09 6.37
N ALA B 136 18.58 -23.35 5.99
CA ALA B 136 19.98 -23.54 6.49
C ALA B 136 20.08 -23.08 7.95
N GLY B 137 19.20 -22.16 8.38
CA GLY B 137 19.37 -21.46 9.63
C GLY B 137 18.34 -20.35 9.82
N PRO B 138 18.34 -19.70 10.97
CA PRO B 138 17.36 -18.67 11.26
C PRO B 138 17.67 -17.41 10.44
N ARG B 139 16.67 -16.57 10.29
CA ARG B 139 16.78 -15.36 9.43
C ARG B 139 15.79 -14.31 9.95
N GLU B 140 16.32 -13.19 10.41
CA GLU B 140 15.55 -11.98 10.78
C GLU B 140 15.10 -11.31 9.47
N TRP B 141 13.86 -11.48 9.08
CA TRP B 141 13.30 -10.81 7.87
C TRP B 141 13.38 -9.30 8.06
N GLN B 142 13.97 -8.57 7.12
CA GLN B 142 14.07 -7.09 7.18
C GLN B 142 12.77 -6.45 6.70
N THR B 143 12.51 -5.24 7.16
CA THR B 143 11.31 -4.47 6.78
C THR B 143 11.19 -4.39 5.25
N TRP B 144 12.27 -4.10 4.56
CA TRP B 144 12.19 -3.96 3.09
C TRP B 144 11.84 -5.30 2.42
N GLU B 145 12.35 -6.40 2.94
CA GLU B 145 12.08 -7.75 2.41
C GLU B 145 10.59 -8.10 2.56
N ILE B 146 10.01 -7.80 3.72
CA ILE B 146 8.58 -8.02 3.99
C ILE B 146 7.77 -7.20 2.97
N ASP B 147 8.13 -5.94 2.80
CA ASP B 147 7.39 -5.01 1.90
C ASP B 147 7.55 -5.55 0.47
N PHE B 148 8.75 -6.03 0.14
CA PHE B 148 9.03 -6.57 -1.21
C PHE B 148 8.17 -7.80 -1.49
N LEU B 149 8.07 -8.75 -0.53
CA LEU B 149 7.31 -10.00 -0.78
C LEU B 149 5.81 -9.64 -0.85
N LYS B 150 5.37 -8.68 -0.05
CA LYS B 150 3.95 -8.21 -0.14
C LYS B 150 3.67 -7.61 -1.52
N GLN B 151 4.59 -6.80 -2.06
CA GLN B 151 4.39 -6.14 -3.39
C GLN B 151 4.46 -7.17 -4.49
N GLN B 152 5.33 -8.19 -4.40
CA GLN B 152 5.35 -9.29 -5.38
C GLN B 152 4.04 -10.08 -5.33
N ALA B 153 3.48 -10.29 -4.15
CA ALA B 153 2.18 -10.99 -4.01
C ALA B 153 1.04 -10.15 -4.65
N VAL B 154 1.14 -8.84 -4.65
CA VAL B 154 0.11 -7.95 -5.30
C VAL B 154 0.23 -8.11 -6.81
N VAL B 155 1.44 -8.17 -7.36
CA VAL B 155 1.66 -8.49 -8.80
C VAL B 155 0.97 -9.82 -9.13
N MET B 156 1.24 -10.87 -8.37
CA MET B 156 0.65 -12.21 -8.59
C MET B 156 -0.89 -12.12 -8.52
N GLY B 157 -1.44 -11.42 -7.54
CA GLY B 157 -2.88 -11.22 -7.34
C GLY B 157 -3.51 -10.57 -8.55
N ILE B 158 -2.91 -9.47 -8.99
CA ILE B 158 -3.42 -8.73 -10.18
C ILE B 158 -3.49 -9.71 -11.35
N ALA B 159 -2.46 -10.51 -11.57
CA ALA B 159 -2.38 -11.45 -12.71
C ALA B 159 -3.44 -12.55 -12.55
N ILE B 160 -3.57 -13.13 -11.36
CA ILE B 160 -4.48 -14.29 -11.11
C ILE B 160 -5.95 -13.81 -11.30
N GLN B 161 -6.24 -12.55 -10.98
CA GLN B 161 -7.60 -11.96 -11.12
C GLN B 161 -7.99 -11.84 -12.62
N GLN B 162 -7.06 -12.00 -13.54
CA GLN B 162 -7.18 -11.65 -14.99
C GLN B 162 -6.69 -12.79 -15.85
N SER B 163 -7.01 -14.02 -15.45
CA SER B 163 -6.50 -15.32 -15.99
C SER B 163 -7.26 -16.47 -15.30
N ALA C 13 -30.95 5.87 10.20
CA ALA C 13 -29.97 6.47 9.26
C ALA C 13 -29.91 7.99 9.47
N ALA C 14 -31.03 8.67 9.76
CA ALA C 14 -31.04 10.07 10.21
C ALA C 14 -30.62 10.09 11.68
N GLY C 15 -29.62 10.90 12.05
CA GLY C 15 -28.76 11.68 11.15
C GLY C 15 -27.35 11.12 11.08
N THR C 16 -27.14 10.10 10.24
CA THR C 16 -25.81 9.54 9.92
C THR C 16 -25.07 10.45 8.93
N MET C 17 -25.77 11.21 8.08
CA MET C 17 -25.13 12.16 7.15
C MET C 17 -24.56 13.33 7.95
N ALA C 18 -25.25 13.76 9.00
CA ALA C 18 -24.78 14.86 9.86
C ALA C 18 -23.52 14.38 10.59
N ASN C 19 -23.48 13.09 10.97
CA ASN C 19 -22.38 12.41 11.70
C ASN C 19 -21.14 12.33 10.81
N LEU C 20 -21.33 11.94 9.55
CA LEU C 20 -20.26 11.95 8.52
C LEU C 20 -19.77 13.41 8.33
N ASP C 21 -20.67 14.39 8.27
CA ASP C 21 -20.35 15.82 7.98
C ASP C 21 -19.52 16.37 9.13
N LYS C 22 -19.85 15.97 10.36
CA LYS C 22 -19.08 16.34 11.58
C LYS C 22 -17.70 15.69 11.54
N MET C 23 -17.64 14.41 11.15
CA MET C 23 -16.41 13.57 11.09
C MET C 23 -15.43 14.14 10.04
N LEU C 24 -15.91 14.46 8.84
CA LEU C 24 -15.04 14.97 7.75
C LEU C 24 -14.56 16.37 8.16
N ASN C 25 -15.41 17.15 8.81
CA ASN C 25 -15.10 18.53 9.26
C ASN C 25 -14.01 18.50 10.34
N THR C 26 -14.10 17.59 11.32
CA THR C 26 -13.07 17.36 12.36
C THR C 26 -11.76 16.90 11.70
N THR C 27 -11.84 16.00 10.73
CA THR C 27 -10.64 15.46 10.06
C THR C 27 -9.90 16.58 9.32
N VAL C 28 -10.56 17.39 8.52
CA VAL C 28 -9.86 18.47 7.76
C VAL C 28 -9.25 19.46 8.77
N THR C 29 -9.92 19.73 9.89
CA THR C 29 -9.35 20.63 10.93
C THR C 29 -8.07 20.02 11.52
N GLU C 30 -8.08 18.76 11.93
CA GLU C 30 -6.87 18.14 12.54
C GLU C 30 -5.71 18.02 11.55
N VAL C 31 -5.99 17.61 10.30
CA VAL C 31 -4.98 17.55 9.22
C VAL C 31 -4.39 18.94 9.02
N ARG C 32 -5.20 19.98 8.90
CA ARG C 32 -4.64 21.35 8.70
C ARG C 32 -3.69 21.72 9.87
N LYS C 33 -4.10 21.49 11.12
CA LYS C 33 -3.25 21.74 12.32
C LYS C 33 -1.95 20.91 12.26
N PHE C 34 -2.06 19.61 11.96
CA PHE C 34 -0.91 18.70 12.07
C PHE C 34 0.14 19.07 11.03
N LEU C 35 -0.27 19.34 9.78
CA LEU C 35 0.65 19.65 8.66
C LEU C 35 1.04 21.13 8.65
N GLN C 36 0.38 21.95 9.49
CA GLN C 36 0.52 23.43 9.52
C GLN C 36 0.26 23.99 8.13
N ALA C 37 -0.76 23.50 7.45
CA ALA C 37 -1.18 24.04 6.15
C ALA C 37 -2.07 25.25 6.43
N ASP C 38 -2.22 26.13 5.45
CA ASP C 38 -3.13 27.32 5.48
C ASP C 38 -4.58 26.88 5.25
N ARG C 39 -4.79 25.88 4.39
CA ARG C 39 -6.13 25.38 4.05
C ARG C 39 -6.06 23.87 3.78
N VAL C 40 -7.03 23.14 4.31
CA VAL C 40 -7.30 21.73 3.92
C VAL C 40 -8.79 21.69 3.56
N CYS C 41 -9.09 21.10 2.41
CA CYS C 41 -10.51 20.92 2.05
C CYS C 41 -10.73 19.56 1.38
N VAL C 42 -12.01 19.23 1.27
CA VAL C 42 -12.55 18.10 0.48
C VAL C 42 -13.23 18.72 -0.73
N PHE C 43 -12.81 18.26 -1.90
CA PHE C 43 -13.46 18.54 -3.18
C PHE C 43 -14.27 17.31 -3.55
N LYS C 44 -15.59 17.44 -3.61
CA LYS C 44 -16.48 16.30 -3.94
C LYS C 44 -16.99 16.41 -5.37
N PHE C 45 -16.82 15.34 -6.15
CA PHE C 45 -17.21 15.29 -7.57
C PHE C 45 -18.71 15.03 -7.71
N GLU C 46 -19.31 15.60 -8.76
CA GLU C 46 -20.69 15.28 -9.25
C GLU C 46 -20.56 14.18 -10.28
N GLU C 47 -21.69 13.69 -10.83
CA GLU C 47 -21.73 12.63 -11.87
C GLU C 47 -20.82 12.99 -13.06
N ASP C 48 -20.73 14.28 -13.43
CA ASP C 48 -19.98 14.75 -14.63
C ASP C 48 -18.55 15.19 -14.28
N TYR C 49 -18.16 15.11 -13.00
CA TYR C 49 -16.77 15.35 -12.52
C TYR C 49 -16.45 16.84 -12.53
N SER C 50 -17.49 17.67 -12.59
CA SER C 50 -17.51 18.97 -11.89
C SER C 50 -17.52 18.64 -10.40
N GLY C 51 -17.24 19.59 -9.54
CA GLY C 51 -17.43 19.37 -8.10
C GLY C 51 -17.52 20.65 -7.32
N THR C 52 -17.56 20.49 -6.02
CA THR C 52 -17.78 21.52 -5.01
C THR C 52 -16.84 21.27 -3.84
N VAL C 53 -16.28 22.33 -3.29
CA VAL C 53 -15.58 22.28 -1.99
C VAL C 53 -16.62 22.03 -0.89
N SER C 54 -16.75 20.78 -0.47
CA SER C 54 -17.79 20.29 0.45
C SER C 54 -17.39 20.56 1.91
N HIS C 55 -16.09 20.53 2.22
CA HIS C 55 -15.53 20.65 3.59
C HIS C 55 -14.21 21.41 3.53
N GLU C 56 -14.02 22.34 4.46
CA GLU C 56 -12.85 23.25 4.44
C GLU C 56 -12.52 23.66 5.88
N ALA C 57 -11.24 23.51 6.23
CA ALA C 57 -10.60 24.13 7.40
C ALA C 57 -9.64 25.20 6.85
N VAL C 58 -9.85 26.45 7.19
CA VAL C 58 -8.98 27.56 6.72
C VAL C 58 -8.67 28.48 7.90
N ASP C 59 -7.38 28.76 8.08
CA ASP C 59 -6.85 29.86 8.90
C ASP C 59 -7.66 31.13 8.57
N ASP C 60 -8.21 31.80 9.60
CA ASP C 60 -9.09 33.01 9.49
C ASP C 60 -8.51 34.07 8.54
N ARG C 61 -7.18 34.16 8.43
CA ARG C 61 -6.50 35.22 7.64
C ARG C 61 -6.86 35.14 6.15
N TRP C 62 -7.47 34.03 5.69
CA TRP C 62 -7.59 33.73 4.24
C TRP C 62 -9.06 33.58 3.82
N ILE C 63 -9.33 33.74 2.52
CA ILE C 63 -10.65 33.51 1.86
C ILE C 63 -11.15 32.10 2.20
N SER C 64 -12.35 31.98 2.75
CA SER C 64 -13.09 30.71 2.85
C SER C 64 -13.62 30.35 1.45
N ILE C 65 -13.22 29.20 0.88
CA ILE C 65 -13.70 28.76 -0.47
C ILE C 65 -14.78 27.66 -0.31
N LEU C 66 -15.27 27.39 0.89
CA LEU C 66 -16.39 26.43 1.11
C LEU C 66 -17.53 26.69 0.09
N LYS C 67 -17.98 25.60 -0.55
CA LYS C 67 -19.13 25.50 -1.51
C LYS C 67 -18.82 26.17 -2.85
N THR C 68 -17.58 26.57 -3.13
CA THR C 68 -17.22 27.03 -4.48
C THR C 68 -17.34 25.83 -5.40
N GLN C 69 -18.07 26.00 -6.49
CA GLN C 69 -18.23 24.99 -7.56
C GLN C 69 -17.08 25.18 -8.52
N VAL C 70 -16.51 24.08 -8.99
CA VAL C 70 -15.41 24.11 -9.98
C VAL C 70 -15.74 23.14 -11.09
N GLN C 71 -15.73 23.64 -12.32
CA GLN C 71 -15.79 22.83 -13.55
C GLN C 71 -14.40 22.78 -14.12
N ASP C 72 -13.64 21.76 -13.71
CA ASP C 72 -12.25 21.56 -14.17
C ASP C 72 -12.22 20.67 -15.41
N ARG C 73 -11.64 21.19 -16.50
CA ARG C 73 -11.58 20.50 -17.81
C ARG C 73 -10.89 19.15 -17.64
N TYR C 74 -9.75 19.13 -16.94
CA TYR C 74 -8.94 17.90 -16.72
C TYR C 74 -9.82 16.81 -16.09
N PHE C 75 -10.55 17.11 -15.01
CA PHE C 75 -11.37 16.07 -14.31
C PHE C 75 -12.58 15.70 -15.15
N MET C 76 -13.16 16.66 -15.85
CA MET C 76 -14.42 16.44 -16.60
C MET C 76 -14.15 15.62 -17.87
N GLU C 77 -12.97 15.73 -18.47
CA GLU C 77 -12.58 14.95 -19.68
C GLU C 77 -12.13 13.55 -19.26
N THR C 78 -11.30 13.44 -18.20
CA THR C 78 -10.74 12.12 -17.77
C THR C 78 -11.72 11.41 -16.85
N ARG C 79 -12.72 12.11 -16.29
CA ARG C 79 -13.60 11.58 -15.20
C ARG C 79 -12.72 10.96 -14.08
N GLY C 80 -11.55 11.55 -13.85
CA GLY C 80 -10.64 11.16 -12.74
C GLY C 80 -9.97 9.81 -12.89
N GLU C 81 -9.95 9.22 -14.11
CA GLU C 81 -9.41 7.85 -14.37
C GLU C 81 -7.94 7.77 -13.94
N GLU C 82 -7.13 8.79 -14.19
CA GLU C 82 -5.69 8.71 -13.84
C GLU C 82 -5.54 8.72 -12.31
N TYR C 83 -6.45 9.38 -11.58
CA TYR C 83 -6.40 9.45 -10.10
C TYR C 83 -6.85 8.13 -9.47
N VAL C 84 -7.62 7.31 -10.19
CA VAL C 84 -7.93 5.94 -9.72
C VAL C 84 -6.68 5.07 -9.88
N HIS C 85 -5.81 5.32 -10.85
CA HIS C 85 -4.59 4.54 -11.12
C HIS C 85 -3.32 5.19 -10.56
N GLY C 86 -3.41 6.00 -9.50
CA GLY C 86 -2.22 6.40 -8.72
C GLY C 86 -1.66 7.77 -9.09
N ARG C 87 -2.25 8.51 -10.01
CA ARG C 87 -1.82 9.90 -10.25
C ARG C 87 -2.35 10.79 -9.12
N TYR C 88 -1.53 11.68 -8.63
CA TYR C 88 -1.95 12.74 -7.67
C TYR C 88 -1.15 14.01 -8.00
N GLN C 89 -1.42 15.10 -7.28
CA GLN C 89 -0.81 16.42 -7.56
C GLN C 89 0.02 16.87 -6.36
N ALA C 90 1.31 17.11 -6.55
CA ALA C 90 2.19 17.70 -5.54
C ALA C 90 2.94 18.85 -6.20
N ILE C 91 2.55 20.08 -5.91
CA ILE C 91 3.18 21.28 -6.51
C ILE C 91 3.68 22.15 -5.37
N ALA C 92 5.00 22.32 -5.30
CA ALA C 92 5.67 23.22 -4.34
C ALA C 92 5.37 24.71 -4.64
N ASP C 93 5.25 25.09 -5.90
CA ASP C 93 5.08 26.51 -6.30
C ASP C 93 4.31 26.52 -7.60
N ILE C 94 3.08 27.03 -7.58
CA ILE C 94 2.20 26.94 -8.79
C ILE C 94 2.80 27.76 -9.95
N TYR C 95 3.62 28.76 -9.67
CA TYR C 95 4.31 29.62 -10.68
C TYR C 95 5.39 28.80 -11.40
N THR C 96 6.19 28.04 -10.65
CA THR C 96 7.25 27.12 -11.18
C THR C 96 6.65 26.13 -12.17
N ALA C 97 5.58 25.44 -11.76
CA ALA C 97 5.07 24.23 -12.46
C ALA C 97 4.43 24.66 -13.78
N ASN C 98 4.61 23.84 -14.82
CA ASN C 98 3.92 24.04 -16.11
C ASN C 98 2.48 23.56 -15.93
N LEU C 99 1.62 24.47 -15.45
CA LEU C 99 0.15 24.31 -15.37
C LEU C 99 -0.46 24.98 -16.58
N VAL C 100 -1.57 24.45 -17.09
CA VAL C 100 -2.45 25.16 -18.05
C VAL C 100 -2.92 26.45 -17.38
N GLU C 101 -2.78 27.58 -18.10
CA GLU C 101 -2.89 28.95 -17.52
C GLU C 101 -4.20 29.10 -16.72
N CYS C 102 -5.35 28.69 -17.27
CA CYS C 102 -6.66 28.93 -16.63
C CYS C 102 -6.75 28.15 -15.32
N TYR C 103 -6.03 27.03 -15.19
CA TYR C 103 -5.99 26.25 -13.94
C TYR C 103 -5.11 26.98 -12.92
N ARG C 104 -3.95 27.52 -13.34
CA ARG C 104 -3.15 28.38 -12.45
C ARG C 104 -4.01 29.57 -11.98
N ASP C 105 -4.83 30.16 -12.85
CA ASP C 105 -5.59 31.39 -12.49
C ASP C 105 -6.59 31.02 -11.38
N LEU C 106 -7.24 29.86 -11.52
CA LEU C 106 -8.20 29.35 -10.50
C LEU C 106 -7.48 29.25 -9.15
N LEU C 107 -6.30 28.64 -9.13
CA LEU C 107 -5.52 28.47 -7.88
C LEU C 107 -5.16 29.85 -7.32
N ILE C 108 -4.79 30.83 -8.16
CA ILE C 108 -4.41 32.19 -7.66
C ILE C 108 -5.65 32.83 -7.01
N GLU C 109 -6.82 32.70 -7.64
CA GLU C 109 -8.13 33.15 -7.09
C GLU C 109 -8.33 32.52 -5.71
N PHE C 110 -7.86 31.29 -5.50
CA PHE C 110 -7.96 30.59 -4.20
C PHE C 110 -6.81 30.99 -3.28
N GLN C 111 -5.90 31.88 -3.73
CA GLN C 111 -4.75 32.40 -2.95
C GLN C 111 -3.66 31.33 -2.80
N VAL C 112 -3.66 30.31 -3.67
CA VAL C 112 -2.82 29.07 -3.53
C VAL C 112 -1.39 29.38 -3.93
N ARG C 113 -0.42 29.06 -3.07
CA ARG C 113 1.00 29.04 -3.51
C ARG C 113 1.43 27.59 -3.80
N ALA C 114 1.14 26.67 -2.89
CA ALA C 114 1.53 25.23 -2.99
C ALA C 114 0.27 24.38 -2.88
N ILE C 115 0.18 23.25 -3.59
CA ILE C 115 -1.02 22.40 -3.50
C ILE C 115 -0.61 20.92 -3.49
N LEU C 116 -1.19 20.17 -2.57
CA LEU C 116 -1.12 18.70 -2.54
C LEU C 116 -2.55 18.16 -2.64
N ALA C 117 -2.87 17.38 -3.68
CA ALA C 117 -4.23 16.83 -3.88
C ALA C 117 -4.14 15.32 -4.12
N VAL C 118 -4.81 14.58 -3.26
CA VAL C 118 -4.84 13.10 -3.34
C VAL C 118 -6.29 12.63 -3.49
N PRO C 119 -6.51 11.47 -4.12
CA PRO C 119 -7.88 10.97 -4.30
C PRO C 119 -8.54 10.39 -3.04
N ILE C 120 -9.83 10.58 -2.96
CA ILE C 120 -10.76 9.82 -2.09
C ILE C 120 -11.53 8.86 -3.02
N LEU C 121 -11.28 7.55 -2.90
CA LEU C 121 -11.95 6.48 -3.68
C LEU C 121 -13.17 5.90 -2.95
N GLN C 122 -14.18 5.49 -3.75
CA GLN C 122 -15.22 4.48 -3.42
C GLN C 122 -15.07 3.32 -4.40
N GLY C 123 -14.49 2.22 -3.93
CA GLY C 123 -14.20 1.08 -4.82
C GLY C 123 -13.28 1.56 -5.94
N LYS C 124 -13.75 1.53 -7.18
CA LYS C 124 -12.95 1.78 -8.41
C LYS C 124 -13.30 3.18 -8.95
N LYS C 125 -13.99 3.98 -8.14
CA LYS C 125 -14.59 5.25 -8.58
C LYS C 125 -13.97 6.40 -7.75
N LEU C 126 -13.55 7.47 -8.42
CA LEU C 126 -13.07 8.70 -7.73
C LEU C 126 -14.26 9.46 -7.15
N TRP C 127 -14.40 9.49 -5.83
CA TRP C 127 -15.46 10.25 -5.14
C TRP C 127 -15.11 11.74 -5.02
N GLY C 128 -13.85 12.06 -4.78
CA GLY C 128 -13.44 13.42 -4.40
C GLY C 128 -11.93 13.50 -4.21
N LEU C 129 -11.47 14.67 -3.79
CA LEU C 129 -10.06 14.91 -3.45
C LEU C 129 -9.93 15.41 -2.03
N LEU C 130 -8.87 14.97 -1.37
CA LEU C 130 -8.40 15.63 -0.13
C LEU C 130 -7.24 16.54 -0.53
N VAL C 131 -7.31 17.80 -0.17
CA VAL C 131 -6.43 18.85 -0.74
C VAL C 131 -5.85 19.67 0.40
N ALA C 132 -4.53 19.76 0.43
CA ALA C 132 -3.77 20.74 1.26
C ALA C 132 -3.27 21.89 0.38
N HIS C 133 -3.42 23.13 0.88
CA HIS C 133 -2.90 24.39 0.25
C HIS C 133 -1.96 25.11 1.23
N GLN C 134 -0.79 25.52 0.76
CA GLN C 134 -0.01 26.60 1.42
C GLN C 134 -0.38 27.88 0.66
N LEU C 135 -0.84 28.89 1.41
CA LEU C 135 -1.29 30.18 0.85
C LEU C 135 -0.23 31.25 1.15
N ALA C 136 0.48 31.15 2.27
CA ALA C 136 1.54 32.11 2.71
C ALA C 136 2.68 32.18 1.67
N GLY C 137 3.15 31.02 1.19
CA GLY C 137 4.35 30.93 0.34
C GLY C 137 4.60 29.51 -0.16
N PRO C 138 5.64 29.27 -0.98
CA PRO C 138 5.88 27.96 -1.60
C PRO C 138 6.10 26.91 -0.49
N ARG C 139 5.88 25.62 -0.81
CA ARG C 139 6.07 24.53 0.17
C ARG C 139 6.43 23.22 -0.55
N GLU C 140 7.63 22.71 -0.28
CA GLU C 140 8.16 21.41 -0.75
C GLU C 140 7.48 20.30 0.04
N TRP C 141 6.42 19.71 -0.50
CA TRP C 141 5.74 18.59 0.18
C TRP C 141 6.72 17.46 0.36
N GLN C 142 6.82 16.94 1.58
CA GLN C 142 7.76 15.86 1.95
C GLN C 142 7.07 14.53 1.70
N THR C 143 7.87 13.50 1.51
CA THR C 143 7.38 12.14 1.21
C THR C 143 6.36 11.75 2.29
N TRP C 144 6.65 12.03 3.58
CA TRP C 144 5.82 11.52 4.70
C TRP C 144 4.48 12.24 4.71
N GLU C 145 4.47 13.52 4.31
CA GLU C 145 3.25 14.37 4.26
C GLU C 145 2.33 13.87 3.13
N ILE C 146 2.90 13.54 1.97
CA ILE C 146 2.13 13.00 0.82
C ILE C 146 1.52 11.68 1.28
N ASP C 147 2.34 10.82 1.87
CA ASP C 147 1.92 9.50 2.41
C ASP C 147 0.84 9.75 3.47
N PHE C 148 1.01 10.72 4.35
CA PHE C 148 0.03 11.03 5.42
C PHE C 148 -1.32 11.47 4.82
N LEU C 149 -1.30 12.37 3.84
CA LEU C 149 -2.57 12.85 3.27
C LEU C 149 -3.27 11.70 2.52
N LYS C 150 -2.55 10.90 1.75
CA LYS C 150 -3.12 9.70 1.09
C LYS C 150 -3.77 8.77 2.11
N GLN C 151 -3.12 8.52 3.26
CA GLN C 151 -3.64 7.55 4.26
C GLN C 151 -4.88 8.18 4.91
N GLN C 152 -4.92 9.50 5.09
CA GLN C 152 -6.10 10.17 5.67
C GLN C 152 -7.27 10.10 4.69
N ALA C 153 -6.99 10.14 3.39
CA ALA C 153 -8.03 10.08 2.34
C ALA C 153 -8.63 8.68 2.34
N VAL C 154 -7.86 7.64 2.66
CA VAL C 154 -8.36 6.25 2.80
C VAL C 154 -9.35 6.19 3.99
N VAL C 155 -9.01 6.76 5.14
CA VAL C 155 -9.90 6.82 6.33
C VAL C 155 -11.21 7.46 5.90
N MET C 156 -11.13 8.59 5.18
CA MET C 156 -12.33 9.33 4.74
C MET C 156 -13.18 8.42 3.85
N GLY C 157 -12.52 7.73 2.93
CA GLY C 157 -13.20 6.79 2.01
C GLY C 157 -13.99 5.75 2.76
N ILE C 158 -13.38 5.13 3.77
CA ILE C 158 -14.04 4.06 4.58
C ILE C 158 -15.25 4.69 5.25
N ALA C 159 -15.11 5.88 5.83
CA ALA C 159 -16.22 6.56 6.54
C ALA C 159 -17.35 6.83 5.56
N ILE C 160 -17.02 7.37 4.38
CA ILE C 160 -18.05 7.77 3.37
C ILE C 160 -18.81 6.51 2.93
N GLN C 161 -18.09 5.43 2.66
CA GLN C 161 -18.69 4.18 2.14
C GLN C 161 -19.70 3.63 3.14
N GLN C 162 -19.44 3.79 4.43
CA GLN C 162 -20.16 3.05 5.51
C GLN C 162 -21.23 3.94 6.15
N SER C 163 -21.39 5.16 5.63
CA SER C 163 -22.49 6.11 5.92
C SER C 163 -23.36 6.26 4.65
N ASN D 19 0.48 19.64 19.37
CA ASN D 19 0.80 18.72 20.49
C ASN D 19 0.16 17.35 20.22
N LEU D 20 1.00 16.32 20.24
CA LEU D 20 0.66 14.92 19.87
C LEU D 20 -0.47 14.39 20.77
N ASP D 21 -0.45 14.75 22.06
CA ASP D 21 -1.39 14.20 23.07
C ASP D 21 -2.79 14.79 22.82
N LYS D 22 -2.85 16.08 22.48
CA LYS D 22 -4.09 16.74 22.03
C LYS D 22 -4.60 15.98 20.79
N MET D 23 -3.74 15.75 19.80
CA MET D 23 -4.14 15.05 18.53
C MET D 23 -4.66 13.64 18.84
N LEU D 24 -3.95 12.84 19.64
CA LEU D 24 -4.42 11.46 19.96
C LEU D 24 -5.76 11.52 20.72
N ASN D 25 -5.97 12.49 21.60
CA ASN D 25 -7.23 12.61 22.40
C ASN D 25 -8.40 12.91 21.45
N THR D 26 -8.20 13.85 20.51
CA THR D 26 -9.18 14.19 19.46
C THR D 26 -9.58 12.93 18.69
N THR D 27 -8.59 12.13 18.26
CA THR D 27 -8.81 10.91 17.43
C THR D 27 -9.64 9.88 18.21
N VAL D 28 -9.22 9.50 19.42
CA VAL D 28 -9.99 8.46 20.15
C VAL D 28 -11.43 8.98 20.35
N THR D 29 -11.58 10.27 20.62
CA THR D 29 -12.92 10.90 20.87
C THR D 29 -13.76 10.75 19.60
N GLU D 30 -13.23 11.09 18.43
CA GLU D 30 -14.00 11.10 17.15
C GLU D 30 -14.20 9.68 16.64
N VAL D 31 -13.21 8.80 16.80
CA VAL D 31 -13.39 7.35 16.48
C VAL D 31 -14.50 6.77 17.36
N ARG D 32 -14.49 7.07 18.66
CA ARG D 32 -15.52 6.50 19.56
C ARG D 32 -16.91 6.93 19.05
N LYS D 33 -17.07 8.21 18.72
CA LYS D 33 -18.38 8.74 18.23
C LYS D 33 -18.73 8.03 16.93
N PHE D 34 -17.79 7.94 15.99
CA PHE D 34 -18.08 7.38 14.64
C PHE D 34 -18.44 5.90 14.74
N LEU D 35 -17.70 5.11 15.51
CA LEU D 35 -18.03 3.67 15.64
C LEU D 35 -19.14 3.47 16.68
N GLN D 36 -19.54 4.50 17.43
CA GLN D 36 -20.53 4.32 18.54
C GLN D 36 -20.03 3.19 19.46
N ALA D 37 -18.76 3.26 19.85
CA ALA D 37 -18.20 2.37 20.90
C ALA D 37 -18.42 3.07 22.26
N ASP D 38 -18.28 2.30 23.34
CA ASP D 38 -18.42 2.80 24.74
C ASP D 38 -17.06 3.34 25.17
N ARG D 39 -15.95 2.80 24.61
CA ARG D 39 -14.60 3.26 24.92
C ARG D 39 -13.72 3.01 23.68
N VAL D 40 -12.90 3.99 23.38
CA VAL D 40 -11.74 3.86 22.46
C VAL D 40 -10.56 4.40 23.24
N CYS D 41 -9.44 3.69 23.28
CA CYS D 41 -8.21 4.21 23.92
C CYS D 41 -6.95 3.73 23.20
N VAL D 42 -5.85 4.35 23.59
CA VAL D 42 -4.49 3.99 23.16
C VAL D 42 -3.82 3.32 24.35
N PHE D 43 -3.33 2.11 24.12
CA PHE D 43 -2.49 1.36 25.09
C PHE D 43 -1.05 1.50 24.61
N LYS D 44 -0.22 2.24 25.34
CA LYS D 44 1.14 2.61 24.92
C LYS D 44 2.16 1.72 25.65
N PHE D 45 3.09 1.14 24.89
CA PHE D 45 4.03 0.11 25.41
C PHE D 45 5.28 0.79 25.97
N GLU D 46 5.83 0.23 27.07
CA GLU D 46 7.15 0.57 27.66
C GLU D 46 8.21 -0.39 27.06
N GLU D 47 9.48 -0.17 27.40
CA GLU D 47 10.63 -0.93 26.84
C GLU D 47 10.37 -2.45 26.95
N ASP D 48 9.79 -2.90 28.06
CA ASP D 48 9.59 -4.35 28.38
C ASP D 48 8.22 -4.84 27.87
N TYR D 49 7.49 -4.01 27.12
CA TYR D 49 6.15 -4.30 26.51
C TYR D 49 5.13 -4.48 27.64
N SER D 50 5.43 -3.92 28.82
CA SER D 50 4.37 -3.44 29.74
C SER D 50 3.76 -2.22 29.07
N GLY D 51 2.57 -1.80 29.48
CA GLY D 51 1.97 -0.58 28.92
C GLY D 51 1.02 0.13 29.86
N THR D 52 0.59 1.32 29.46
CA THR D 52 -0.38 2.14 30.22
C THR D 52 -1.40 2.67 29.22
N VAL D 53 -2.69 2.70 29.59
CA VAL D 53 -3.67 3.49 28.79
C VAL D 53 -3.22 4.95 28.88
N SER D 54 -2.68 5.49 27.80
CA SER D 54 -2.14 6.86 27.68
C SER D 54 -3.22 7.86 27.25
N HIS D 55 -4.25 7.39 26.54
CA HIS D 55 -5.33 8.20 25.89
C HIS D 55 -6.64 7.40 25.88
N GLU D 56 -7.75 8.03 26.23
CA GLU D 56 -9.04 7.35 26.47
C GLU D 56 -10.19 8.33 26.20
N ALA D 57 -11.19 7.88 25.46
CA ALA D 57 -12.51 8.51 25.32
C ALA D 57 -13.50 7.47 25.82
N VAL D 58 -14.20 7.77 26.92
CA VAL D 58 -15.17 6.79 27.48
C VAL D 58 -16.51 7.51 27.69
N ASP D 59 -17.62 6.83 27.44
CA ASP D 59 -18.96 7.30 27.87
C ASP D 59 -18.95 7.33 29.40
N ASP D 60 -19.35 8.45 30.04
CA ASP D 60 -19.25 8.70 31.51
C ASP D 60 -19.94 7.59 32.34
N ARG D 61 -20.84 6.85 31.73
CA ARG D 61 -21.60 5.71 32.34
C ARG D 61 -20.65 4.65 32.88
N TRP D 62 -19.42 4.58 32.34
CA TRP D 62 -18.44 3.51 32.67
C TRP D 62 -17.20 4.09 33.27
N ILE D 63 -16.44 3.21 33.94
CA ILE D 63 -15.20 3.57 34.68
C ILE D 63 -14.19 4.06 33.64
N SER D 64 -13.41 5.07 33.99
CA SER D 64 -12.25 5.54 33.19
C SER D 64 -11.07 4.60 33.51
N ILE D 65 -10.38 4.08 32.49
CA ILE D 65 -9.16 3.24 32.73
C ILE D 65 -7.93 4.03 32.34
N LEU D 66 -8.05 5.35 32.15
CA LEU D 66 -6.88 6.19 31.76
C LEU D 66 -5.81 6.11 32.84
N LYS D 67 -4.55 5.88 32.43
CA LYS D 67 -3.32 5.83 33.26
C LYS D 67 -3.14 4.44 33.88
N THR D 68 -4.09 3.51 33.74
CA THR D 68 -3.93 2.10 34.20
C THR D 68 -2.69 1.45 33.57
N GLN D 69 -1.76 0.94 34.36
CA GLN D 69 -0.54 0.23 33.86
C GLN D 69 -0.89 -1.26 33.77
N VAL D 70 -0.58 -1.91 32.65
CA VAL D 70 -0.86 -3.37 32.48
C VAL D 70 0.46 -4.05 32.09
N GLN D 71 0.79 -5.11 32.83
CA GLN D 71 1.94 -6.03 32.59
C GLN D 71 1.32 -7.26 31.94
N ASP D 72 1.36 -7.32 30.62
CA ASP D 72 0.66 -8.37 29.86
C ASP D 72 1.70 -9.42 29.46
N ARG D 73 1.40 -10.69 29.79
CA ARG D 73 2.32 -11.86 29.67
C ARG D 73 2.58 -12.13 28.18
N TYR D 74 1.53 -12.29 27.39
CA TYR D 74 1.62 -12.37 25.90
C TYR D 74 2.51 -11.25 25.37
N PHE D 75 2.24 -9.98 25.65
CA PHE D 75 3.01 -8.87 25.02
C PHE D 75 4.45 -8.82 25.54
N MET D 76 4.66 -9.12 26.83
CA MET D 76 6.02 -9.00 27.42
C MET D 76 6.86 -10.17 26.91
N GLU D 77 6.27 -11.36 26.76
CA GLU D 77 6.98 -12.58 26.29
C GLU D 77 7.27 -12.43 24.79
N THR D 78 6.32 -11.97 23.97
CA THR D 78 6.48 -11.94 22.48
C THR D 78 7.10 -10.62 22.05
N ARG D 79 7.12 -9.62 22.93
CA ARG D 79 7.46 -8.22 22.58
C ARG D 79 6.53 -7.79 21.43
N GLY D 80 5.35 -8.42 21.33
CA GLY D 80 4.26 -8.11 20.38
C GLY D 80 4.66 -8.37 18.93
N GLU D 81 5.53 -9.34 18.68
CA GLU D 81 6.08 -9.52 17.30
C GLU D 81 4.94 -9.86 16.33
N GLU D 82 3.98 -10.69 16.73
CA GLU D 82 2.87 -11.08 15.84
C GLU D 82 2.08 -9.82 15.45
N TYR D 83 2.02 -8.82 16.35
CA TYR D 83 1.30 -7.53 16.16
C TYR D 83 2.13 -6.64 15.23
N VAL D 84 3.46 -6.65 15.33
CA VAL D 84 4.31 -5.97 14.31
C VAL D 84 3.93 -6.50 12.94
N HIS D 85 3.52 -7.77 12.86
CA HIS D 85 3.20 -8.47 11.58
C HIS D 85 1.69 -8.60 11.40
N GLY D 86 0.89 -7.67 11.93
CA GLY D 86 -0.52 -7.48 11.50
C GLY D 86 -1.53 -8.24 12.33
N ARG D 87 -1.11 -8.95 13.35
CA ARG D 87 -2.08 -9.64 14.21
C ARG D 87 -2.92 -8.58 14.90
N TYR D 88 -4.18 -8.90 15.11
CA TYR D 88 -5.16 -8.03 15.82
C TYR D 88 -6.14 -8.93 16.56
N GLN D 89 -6.96 -8.33 17.44
CA GLN D 89 -7.96 -9.05 18.25
C GLN D 89 -9.33 -8.44 17.92
N ALA D 90 -10.28 -9.26 17.50
CA ALA D 90 -11.70 -8.88 17.26
C ALA D 90 -12.58 -9.91 17.98
N ILE D 91 -12.96 -9.60 19.23
CA ILE D 91 -13.81 -10.46 20.09
C ILE D 91 -15.19 -9.81 20.29
N ALA D 92 -16.22 -10.48 19.79
CA ALA D 92 -17.66 -10.11 19.85
C ALA D 92 -18.16 -10.21 21.29
N ASP D 93 -17.70 -11.22 22.04
CA ASP D 93 -18.22 -11.60 23.37
C ASP D 93 -17.10 -12.25 24.18
N ILE D 94 -16.47 -11.52 25.10
CA ILE D 94 -15.31 -12.01 25.91
C ILE D 94 -15.72 -13.19 26.81
N TYR D 95 -17.02 -13.45 27.03
CA TYR D 95 -17.51 -14.57 27.89
C TYR D 95 -17.48 -15.86 27.05
N THR D 96 -17.69 -15.78 25.74
CA THR D 96 -17.76 -16.96 24.84
C THR D 96 -16.52 -17.02 23.94
N ALA D 97 -15.43 -16.36 24.34
CA ALA D 97 -14.13 -16.39 23.63
C ALA D 97 -13.19 -17.34 24.38
N ASN D 98 -12.34 -18.08 23.66
CA ASN D 98 -11.35 -18.99 24.30
C ASN D 98 -10.17 -18.14 24.79
N LEU D 99 -10.29 -17.57 25.99
CA LEU D 99 -9.29 -16.62 26.57
C LEU D 99 -8.67 -17.21 27.84
N VAL D 100 -7.37 -16.99 28.01
CA VAL D 100 -6.65 -17.22 29.30
C VAL D 100 -7.43 -16.46 30.37
N GLU D 101 -7.73 -17.11 31.50
CA GLU D 101 -8.71 -16.58 32.49
C GLU D 101 -8.16 -15.28 33.07
N CYS D 102 -6.85 -15.16 33.29
CA CYS D 102 -6.22 -13.92 33.84
C CYS D 102 -6.35 -12.75 32.84
N TYR D 103 -6.51 -13.03 31.53
CA TYR D 103 -6.79 -12.01 30.48
C TYR D 103 -8.29 -11.67 30.46
N ARG D 104 -9.16 -12.69 30.39
CA ARG D 104 -10.64 -12.48 30.49
C ARG D 104 -10.96 -11.73 31.79
N ASP D 105 -10.13 -11.91 32.83
CA ASP D 105 -10.27 -11.22 34.14
C ASP D 105 -9.80 -9.76 34.02
N LEU D 106 -8.74 -9.46 33.26
CA LEU D 106 -8.28 -8.06 33.05
C LEU D 106 -9.39 -7.26 32.33
N LEU D 107 -9.96 -7.86 31.28
CA LEU D 107 -11.08 -7.29 30.48
C LEU D 107 -12.32 -7.09 31.35
N ILE D 108 -12.69 -8.06 32.17
CA ILE D 108 -13.89 -7.96 33.06
C ILE D 108 -13.71 -6.79 34.01
N GLU D 109 -12.50 -6.62 34.55
CA GLU D 109 -12.10 -5.49 35.42
C GLU D 109 -12.36 -4.16 34.72
N PHE D 110 -12.20 -4.11 33.39
CA PHE D 110 -12.37 -2.91 32.54
C PHE D 110 -13.81 -2.76 32.07
N GLN D 111 -14.70 -3.70 32.47
CA GLN D 111 -16.15 -3.72 32.15
C GLN D 111 -16.36 -4.08 30.69
N VAL D 112 -15.31 -4.57 30.03
CA VAL D 112 -15.36 -4.91 28.58
C VAL D 112 -16.34 -6.05 28.34
N ARG D 113 -17.13 -5.97 27.27
CA ARG D 113 -17.91 -7.10 26.72
C ARG D 113 -17.36 -7.54 25.35
N ALA D 114 -16.97 -6.58 24.50
CA ALA D 114 -16.45 -6.80 23.12
C ALA D 114 -15.17 -5.99 22.95
N ILE D 115 -14.14 -6.51 22.26
CA ILE D 115 -12.86 -5.76 22.17
C ILE D 115 -12.35 -5.91 20.72
N LEU D 116 -12.06 -4.78 20.09
CA LEU D 116 -11.33 -4.70 18.79
C LEU D 116 -10.03 -3.98 19.07
N ALA D 117 -8.89 -4.65 18.88
CA ALA D 117 -7.58 -4.04 19.22
C ALA D 117 -6.63 -4.24 18.03
N VAL D 118 -6.00 -3.17 17.55
CA VAL D 118 -5.15 -3.22 16.34
C VAL D 118 -3.83 -2.55 16.68
N PRO D 119 -2.72 -2.99 16.06
CA PRO D 119 -1.44 -2.37 16.35
C PRO D 119 -1.23 -0.96 15.79
N ILE D 120 -0.45 -0.20 16.54
CA ILE D 120 0.12 1.11 16.17
C ILE D 120 1.62 0.88 16.06
N LEU D 121 2.17 1.12 14.87
CA LEU D 121 3.63 1.00 14.61
C LEU D 121 4.29 2.37 14.59
N GLN D 122 5.50 2.44 15.13
CA GLN D 122 6.43 3.58 14.93
C GLN D 122 7.58 2.97 14.15
N GLY D 123 7.72 3.38 12.88
CA GLY D 123 8.55 2.67 11.89
C GLY D 123 8.25 1.17 11.94
N LYS D 124 9.18 0.37 12.47
CA LYS D 124 9.08 -1.11 12.51
C LYS D 124 8.84 -1.59 13.94
N LYS D 125 8.69 -0.67 14.89
CA LYS D 125 8.49 -1.08 16.31
C LYS D 125 6.99 -0.99 16.61
N LEU D 126 6.49 -1.94 17.40
CA LEU D 126 5.12 -1.90 17.97
C LEU D 126 5.11 -0.85 19.08
N TRP D 127 4.51 0.31 18.84
CA TRP D 127 4.50 1.46 19.78
C TRP D 127 3.34 1.30 20.79
N GLY D 128 2.24 0.67 20.40
CA GLY D 128 1.03 0.58 21.24
C GLY D 128 -0.09 -0.07 20.48
N LEU D 129 -1.29 -0.03 21.04
CA LEU D 129 -2.49 -0.56 20.39
C LEU D 129 -3.53 0.56 20.35
N LEU D 130 -4.37 0.54 19.31
CA LEU D 130 -5.63 1.33 19.25
C LEU D 130 -6.77 0.37 19.54
N VAL D 131 -7.60 0.65 20.54
CA VAL D 131 -8.55 -0.37 21.05
C VAL D 131 -9.95 0.25 21.13
N ALA D 132 -10.94 -0.45 20.61
CA ALA D 132 -12.37 -0.15 20.85
C ALA D 132 -12.95 -1.17 21.82
N HIS D 133 -13.66 -0.73 22.88
CA HIS D 133 -14.41 -1.64 23.78
C HIS D 133 -15.91 -1.37 23.58
N GLN D 134 -16.74 -2.40 23.45
CA GLN D 134 -18.19 -2.29 23.76
C GLN D 134 -18.35 -2.71 25.22
N LEU D 135 -18.98 -1.89 26.06
CA LEU D 135 -19.12 -2.13 27.53
C LEU D 135 -20.57 -2.47 27.88
N ALA D 136 -21.53 -2.10 27.02
CA ALA D 136 -22.99 -2.23 27.26
C ALA D 136 -23.45 -3.68 27.04
N GLY D 137 -22.72 -4.46 26.25
CA GLY D 137 -23.22 -5.69 25.64
C GLY D 137 -22.25 -6.21 24.58
N PRO D 138 -22.47 -7.43 24.06
CA PRO D 138 -21.62 -8.01 23.01
C PRO D 138 -21.79 -7.24 21.70
N ARG D 139 -20.81 -7.33 20.78
CA ARG D 139 -20.84 -6.60 19.48
C ARG D 139 -20.08 -7.39 18.41
N GLU D 140 -20.79 -7.82 17.37
CA GLU D 140 -20.23 -8.44 16.15
C GLU D 140 -19.46 -7.35 15.39
N TRP D 141 -18.15 -7.27 15.60
CA TRP D 141 -17.28 -6.35 14.82
C TRP D 141 -17.38 -6.70 13.34
N GLN D 142 -17.52 -5.70 12.48
CA GLN D 142 -17.73 -5.85 11.01
C GLN D 142 -16.36 -5.76 10.32
N THR D 143 -16.18 -6.43 9.17
CA THR D 143 -14.85 -6.42 8.48
C THR D 143 -14.47 -4.96 8.22
N TRP D 144 -15.40 -4.11 7.80
CA TRP D 144 -15.04 -2.70 7.51
C TRP D 144 -14.53 -2.01 8.79
N GLU D 145 -14.99 -2.42 9.98
CA GLU D 145 -14.56 -1.73 11.22
C GLU D 145 -13.11 -2.12 11.53
N ILE D 146 -12.78 -3.39 11.38
CA ILE D 146 -11.38 -3.89 11.50
C ILE D 146 -10.52 -3.03 10.56
N ASP D 147 -10.96 -2.84 9.32
CA ASP D 147 -10.20 -2.00 8.35
C ASP D 147 -10.12 -0.55 8.80
N PHE D 148 -11.24 0.02 9.27
CA PHE D 148 -11.28 1.43 9.69
C PHE D 148 -10.27 1.63 10.80
N LEU D 149 -10.29 0.74 11.80
CA LEU D 149 -9.48 0.96 13.01
C LEU D 149 -8.01 0.75 12.64
N LYS D 150 -7.71 -0.26 11.84
CA LYS D 150 -6.31 -0.43 11.31
C LYS D 150 -5.87 0.80 10.52
N GLN D 151 -6.72 1.37 9.66
CA GLN D 151 -6.32 2.58 8.90
C GLN D 151 -6.20 3.79 9.84
N GLN D 152 -7.02 3.97 10.92
CA GLN D 152 -6.74 5.02 11.93
C GLN D 152 -5.35 4.80 12.54
N ALA D 153 -5.00 3.54 12.84
CA ALA D 153 -3.70 3.21 13.49
C ALA D 153 -2.57 3.58 12.54
N VAL D 154 -2.74 3.39 11.23
CA VAL D 154 -1.70 3.80 10.25
C VAL D 154 -1.45 5.32 10.38
N VAL D 155 -2.51 6.10 10.37
CA VAL D 155 -2.39 7.58 10.42
C VAL D 155 -1.76 8.02 11.76
N MET D 156 -2.16 7.37 12.85
CA MET D 156 -1.61 7.66 14.19
C MET D 156 -0.10 7.40 14.19
N GLY D 157 0.29 6.27 13.61
CA GLY D 157 1.70 5.85 13.55
C GLY D 157 2.53 6.91 12.90
N ILE D 158 2.05 7.43 11.77
CA ILE D 158 2.71 8.53 11.02
C ILE D 158 2.81 9.78 11.89
N ALA D 159 1.75 10.13 12.61
CA ALA D 159 1.73 11.32 13.49
C ALA D 159 2.79 11.14 14.60
N ILE D 160 2.79 9.96 15.23
CA ILE D 160 3.73 9.60 16.32
C ILE D 160 5.18 9.64 15.81
N GLN D 161 5.48 9.06 14.63
CA GLN D 161 6.84 9.06 14.03
C GLN D 161 7.35 10.48 13.76
N GLN D 162 6.46 11.42 13.42
CA GLN D 162 6.87 12.75 12.91
C GLN D 162 6.85 13.75 14.05
N SER D 163 6.37 13.32 15.20
CA SER D 163 6.54 14.01 16.50
C SER D 163 7.80 13.43 17.15
CHA JRA E . 6.35 13.10 -23.98
NA JRA E . 7.98 11.20 -23.86
C1A JRA E . 6.76 11.73 -23.61
C2A JRA E . 5.84 10.79 -22.93
C3A JRA E . 6.63 9.56 -22.77
C4A JRA E . 7.95 9.92 -23.39
CMA JRA E . 6.16 8.29 -22.12
CAA JRA E . 4.43 11.06 -22.50
CBA JRA E . 4.53 12.01 -21.32
CGA JRA E . 3.14 12.30 -20.77
O1A JRA E . 2.62 11.48 -19.95
O2A JRA E . 2.61 13.38 -21.15
CHB JRA E . 9.11 8.96 -23.65
NB JRA E . 8.13 6.79 -24.70
C1B JRA E . 9.13 7.59 -24.26
C2B JRA E . 10.45 6.96 -24.40
C3B JRA E . 10.16 5.64 -24.89
C4B JRA E . 8.75 5.61 -25.05
CMB JRA E . 11.78 7.56 -24.09
CAB JRA E . 11.10 4.59 -25.25
CBB JRA E . 10.80 3.36 -24.96
OB JRA E . 8.29 4.52 -25.57
NC JRA E . 10.94 13.63 -27.72
C1C JRA E . 11.87 13.45 -28.68
C2C JRA E . 11.75 14.49 -29.77
C3C JRA E . 10.42 15.18 -29.34
C4C JRA E . 10.30 14.78 -27.86
CMC JRA E . 13.04 15.31 -29.79
CAC JRA E . 10.05 16.63 -29.79
CBC JRA E . 10.75 17.69 -29.36
OC JRA E . 12.74 12.60 -28.71
CHD JRA E . 9.70 15.54 -26.90
ND JRA E . 8.29 13.99 -25.38
C1D JRA E . 8.47 15.15 -26.12
C2D JRA E . 7.28 16.04 -26.08
C3D JRA E . 6.28 15.32 -25.25
C4D JRA E . 7.01 14.09 -24.86
CMD JRA E . 7.09 17.38 -26.75
CAD JRA E . 4.88 15.79 -24.87
CBD JRA E . 3.85 14.66 -24.92
CGD JRA E . 2.75 14.93 -25.91
O1D JRA E . 1.82 15.74 -25.66
O2D JRA E . 2.81 14.27 -26.96
CHA JRA F . -0.86 -21.70 11.40
NA JRA F . -0.41 -22.43 8.97
C1A JRA F . -0.35 -21.53 9.99
C2A JRA F . 0.35 -20.27 9.58
C3A JRA F . 0.75 -20.46 8.15
C4A JRA F . 0.22 -21.85 7.87
CMA JRA F . 1.46 -19.51 7.23
CAA JRA F . 0.60 -19.05 10.42
CBA JRA F . -0.66 -18.21 10.46
CGA JRA F . -0.46 -17.17 11.52
O1A JRA F . 0.05 -16.02 11.22
O2A JRA F . -0.83 -17.64 12.64
CHB JRA F . 0.54 -22.60 6.59
NB JRA F . 3.18 -22.49 6.19
C1B JRA F . 1.89 -22.82 5.92
C2B JRA F . 1.77 -23.60 4.69
C3B JRA F . 3.11 -23.62 4.12
C4B JRA F . 3.90 -22.91 5.08
CMB JRA F . 0.54 -24.24 4.16
CAB JRA F . 3.67 -24.26 2.90
CBB JRA F . 4.53 -23.56 2.22
OB JRA F . 5.13 -22.94 4.70
NC JRA F . -1.47 -27.43 10.62
C1C JRA F . -1.33 -28.74 10.28
C2C JRA F . -1.67 -29.63 11.43
C3C JRA F . -1.73 -28.58 12.55
C4C JRA F . -2.05 -27.29 11.83
CMC JRA F . -2.91 -30.48 11.16
CAC JRA F . -2.42 -28.88 13.89
CBC JRA F . -3.74 -29.02 14.01
OC JRA F . -1.02 -29.21 9.19
CHD JRA F . -2.84 -26.27 12.33
ND JRA F . -1.75 -24.07 11.60
C1D JRA F . -2.40 -24.84 12.53
C2D JRA F . -2.63 -24.07 13.80
C3D JRA F . -2.03 -22.73 13.56
C4D JRA F . -1.51 -22.84 12.14
CMD JRA F . -3.32 -24.55 15.06
CAD JRA F . -2.00 -21.55 14.55
CBD JRA F . -0.73 -20.68 14.51
CGD JRA F . 0.28 -21.00 15.60
O1D JRA F . 0.30 -20.29 16.62
O2D JRA F . 1.08 -21.95 15.42
CHA JRA G . -6.02 20.34 -13.68
NA JRA G . -7.65 20.66 -11.66
C1A JRA G . -6.52 20.18 -12.26
C2A JRA G . -5.65 19.46 -11.26
C3A JRA G . -6.40 19.51 -9.95
C4A JRA G . -7.63 20.30 -10.30
CMA JRA G . -5.99 18.92 -8.62
CAA JRA G . -4.34 18.80 -11.52
CBA JRA G . -4.73 17.41 -11.93
CGA JRA G . -3.48 16.74 -12.42
O1A JRA G . -2.81 16.01 -11.61
O2A JRA G . -3.25 17.02 -13.64
CHB JRA G . -8.70 20.75 -9.29
NB JRA G . -7.44 21.72 -7.20
C1B JRA G . -8.56 21.49 -7.97
C2B JRA G . -9.78 22.04 -7.33
C3B JRA G . -9.33 22.61 -6.05
C4B JRA G . -7.91 22.37 -6.08
CMB JRA G . -11.18 22.03 -7.86
CAB JRA G . -10.01 23.29 -4.92
CBB JRA G . -9.74 22.78 -3.71
OB JRA G . -7.36 22.84 -5.01
NC JRA G . -9.71 24.04 -14.93
C1C JRA G . -10.47 25.10 -14.60
C2C JRA G . -10.50 26.07 -15.75
C3C JRA G . -9.31 25.57 -16.56
C4C JRA G . -9.26 24.10 -16.18
CMC JRA G . -11.87 26.03 -16.42
CAC JRA G . -9.07 25.94 -18.02
CBC JRA G . -9.73 25.40 -19.05
OC JRA G . -11.07 25.26 -13.56
CHD JRA G . -8.84 23.05 -16.92
ND JRA G . -7.60 21.81 -15.07
C1D JRA G . -7.73 22.17 -16.39
C2D JRA G . -6.65 21.57 -17.25
C3D JRA G . -5.82 20.80 -16.29
C4D JRA G . -6.50 21.00 -14.95
CMD JRA G . -6.47 21.72 -18.75
CAD JRA G . -4.60 19.95 -16.63
CBD JRA G . -3.37 20.14 -15.75
CGD JRA G . -2.86 21.55 -15.89
O1D JRA G . -2.03 21.82 -16.79
O2D JRA G . -3.28 22.43 -15.11
CHA JRA H . -3.10 -11.23 25.55
NA JRA H . -3.29 -8.75 25.98
C1A JRA H . -3.54 -9.83 25.23
C2A JRA H . -4.31 -9.50 24.01
C3A JRA H . -4.55 -8.02 24.09
C4A JRA H . -3.86 -7.67 25.38
CMA JRA H . -5.27 -7.09 23.14
CAA JRA H . -4.74 -10.48 22.97
CBA JRA H . -3.52 -10.91 22.17
CGA JRA H . -4.00 -11.91 21.16
O1A JRA H . -4.38 -11.50 20.03
O2A JRA H . -4.00 -13.11 21.50
CHB JRA H . -3.87 -6.33 26.08
NB JRA H . -6.30 -5.33 25.84
C1B JRA H . -5.01 -5.35 26.31
C2B JRA H . -4.66 -4.13 27.09
C3B JRA H . -5.89 -3.32 27.04
C4B JRA H . -6.82 -4.13 26.26
CMB JRA H . -3.36 -3.82 27.77
CAB JRA H . -6.14 -1.99 27.65
CBB JRA H . -6.71 -1.09 26.88
OB JRA H . -8.03 -3.64 26.11
NC JRA H . -2.35 -9.89 31.14
C1C JRA H . -2.50 -9.38 32.36
C2C JRA H . -2.78 -10.43 33.40
C3C JRA H . -2.85 -11.67 32.49
C4C JRA H . -2.20 -11.20 31.20
CMC JRA H . -1.74 -10.36 34.53
CAC JRA H . -2.42 -13.05 32.96
CBC JRA H . -1.16 -13.30 33.28
OC JRA H . -2.38 -8.20 32.65
CHD JRA H . -1.55 -11.98 30.30
ND JRA H . -2.35 -11.24 27.98
C1D JRA H . -2.01 -12.20 28.90
C2D JRA H . -2.13 -13.59 28.34
C3D JRA H . -2.60 -13.41 26.97
C4D JRA H . -2.70 -11.90 26.83
CMD JRA H . -1.85 -14.90 29.04
CAD JRA H . -2.87 -14.54 25.98
CBD JRA H . -3.96 -14.18 24.97
CGD JRA H . -5.01 -15.24 24.83
O1D JRA H . -4.96 -15.96 23.82
O2D JRA H . -5.91 -15.29 25.71
#